data_7PGH
#
_entry.id   7PGH
#
_cell.length_a   123.465
_cell.length_b   134.696
_cell.length_c   155.545
_cell.angle_alpha   90.000
_cell.angle_beta   90.000
_cell.angle_gamma   90.000
#
_symmetry.space_group_name_H-M   'P 21 21 21'
#
loop_
_entity.id
_entity.type
_entity.pdbx_description
1 polymer 'Ion transport protein,Voltage-gated sodium channel subunit'
2 non-polymer 2-{2-[2-(2-{2-[2-(2-ETHOXY-ETHOXY)-ETHOXY]-ETHOXY}-ETHOXY)-ETHOXY]-ETHOXY}-ETHANOL
3 non-polymer DODECANE
4 non-polymer N-OCTANE
5 non-polymer 'DODECAETHYLENE GLYCOL'
6 non-polymer 'PENTAETHYLENE GLYCOL'
#
_entity_poly.entity_id   1
_entity_poly.type   'polypeptide(L)'
_entity_poly.pdbx_seq_one_letter_code
;GPSSPSLLRAIPGIAWIALLLLVIFYVFAV(MSE)GTKLFAQSFPEWFGTLGAS(MSE)YTLFQV(MSE)TLESWS
(MSE)GIARPVIEAYPWAWIYFVSFILVSSFTVLNLFIGIIIES(MSE)QSAHHAEDGERTDAYRDEVLARLEQIDQRLN
ALGETKK
;
_entity_poly.pdbx_strand_id   F,A,B,C,D,E,G,H
#
loop_
_chem_comp.id
_chem_comp.type
_chem_comp.name
_chem_comp.formula
12P non-polymer 'DODECAETHYLENE GLYCOL' 'C24 H50 O13'
1PE non-polymer 'PENTAETHYLENE GLYCOL' 'C10 H22 O6'
D12 non-polymer DODECANE 'C12 H26'
OCT non-polymer N-OCTANE 'C8 H18'
PE4 non-polymer 2-{2-[2-(2-{2-[2-(2-ETHOXY-ETHOXY)-ETHOXY]-ETHOXY}-ETHOXY)-ETHOXY]-ETHOXY}-ETHANOL 'C16 H34 O8'
#
# COMPACT_ATOMS: atom_id res chain seq x y z
N SER A 4 19.61 -29.20 20.26
CA SER A 4 19.21 -30.59 20.43
C SER A 4 20.16 -31.52 19.67
N PRO A 5 21.46 -31.19 19.71
CA PRO A 5 22.47 -31.97 19.02
C PRO A 5 22.62 -33.33 19.68
N SER A 6 22.24 -34.39 18.97
CA SER A 6 22.32 -35.74 19.48
C SER A 6 22.92 -36.74 18.50
N LEU A 7 22.88 -36.47 17.20
CA LEU A 7 23.46 -37.35 16.18
C LEU A 7 22.89 -38.76 16.27
N LEU A 8 21.57 -38.85 16.45
CA LEU A 8 20.89 -40.13 16.55
C LEU A 8 19.62 -40.09 15.72
N ARG A 9 18.84 -41.17 15.79
CA ARG A 9 17.68 -41.37 14.93
C ARG A 9 16.51 -40.56 15.48
N ALA A 10 16.16 -39.47 14.80
CA ALA A 10 15.13 -38.53 15.24
C ALA A 10 13.98 -38.45 14.24
N ILE A 11 13.62 -39.59 13.65
CA ILE A 11 12.58 -39.70 12.63
C ILE A 11 11.18 -39.71 13.23
N PRO A 12 10.92 -40.42 14.34
CA PRO A 12 9.55 -40.49 14.86
C PRO A 12 8.97 -39.15 15.29
N GLY A 13 9.78 -38.10 15.45
CA GLY A 13 9.19 -36.77 15.57
C GLY A 13 8.46 -36.35 14.31
N ILE A 14 9.10 -36.57 13.16
CA ILE A 14 8.44 -36.34 11.88
C ILE A 14 7.25 -37.28 11.72
N ALA A 15 7.35 -38.50 12.28
CA ALA A 15 6.20 -39.42 12.23
C ALA A 15 5.03 -38.89 13.06
N TRP A 16 5.31 -38.30 14.22
CA TRP A 16 4.28 -37.68 15.03
C TRP A 16 3.62 -36.53 14.28
N ILE A 17 4.44 -35.71 13.62
CA ILE A 17 3.92 -34.65 12.76
C ILE A 17 3.04 -35.24 11.67
N ALA A 18 3.42 -36.40 11.14
CA ALA A 18 2.66 -37.02 10.06
C ALA A 18 1.28 -37.49 10.54
N LEU A 19 1.21 -38.09 11.73
CA LEU A 19 -0.10 -38.52 12.21
C LEU A 19 -0.96 -37.32 12.64
N LEU A 20 -0.36 -36.26 13.17
CA LEU A 20 -1.14 -35.05 13.37
C LEU A 20 -1.55 -34.43 12.04
N LEU A 21 -0.82 -34.73 10.97
CA LEU A 21 -1.22 -34.30 9.63
C LEU A 21 -2.42 -35.11 9.13
N LEU A 22 -2.47 -36.40 9.47
CA LEU A 22 -3.71 -37.15 9.29
C LEU A 22 -4.86 -36.50 10.05
N VAL A 23 -4.59 -36.05 11.28
CA VAL A 23 -5.60 -35.31 12.04
C VAL A 23 -6.00 -34.03 11.29
N ILE A 24 -5.05 -33.40 10.59
CA ILE A 24 -5.34 -32.21 9.80
C ILE A 24 -6.30 -32.55 8.67
N PHE A 25 -6.01 -33.63 7.94
CA PHE A 25 -6.96 -34.18 6.97
C PHE A 25 -8.34 -34.22 7.58
N TYR A 26 -8.45 -35.00 8.65
CA TYR A 26 -9.70 -35.21 9.36
C TYR A 26 -10.41 -33.89 9.63
N VAL A 27 -9.74 -32.98 10.35
CA VAL A 27 -10.39 -31.75 10.82
C VAL A 27 -10.84 -30.89 9.65
N PHE A 28 -9.92 -30.48 8.79
CA PHE A 28 -10.29 -29.52 7.74
C PHE A 28 -11.24 -30.14 6.73
N ALA A 29 -10.98 -31.37 6.28
CA ALA A 29 -11.83 -31.99 5.28
C ALA A 29 -13.23 -32.25 5.81
N VAL A 30 -13.37 -32.59 7.11
CA VAL A 30 -14.70 -32.81 7.65
C VAL A 30 -15.37 -31.48 8.01
N MSE A 31 -14.61 -30.42 8.23
CA MSE A 31 -15.17 -29.08 8.32
C MSE A 31 -15.85 -28.71 7.01
O MSE A 31 -17.04 -28.40 6.98
CB MSE A 31 -14.10 -28.04 8.65
CG MSE A 31 -14.61 -26.61 8.58
SE MSE A 31 -13.32 -25.26 9.13
CE MSE A 31 -14.33 -23.66 8.63
N GLY A 32 -15.08 -28.76 5.93
CA GLY A 32 -15.59 -28.31 4.65
C GLY A 32 -16.44 -29.32 3.90
N THR A 33 -16.53 -30.55 4.38
CA THR A 33 -17.23 -31.61 3.66
C THR A 33 -18.70 -31.71 4.05
N LYS A 34 -19.12 -31.04 5.12
CA LYS A 34 -20.46 -31.21 5.68
C LYS A 34 -21.41 -30.08 5.31
N LEU A 35 -20.90 -28.86 5.14
CA LEU A 35 -21.75 -27.73 4.78
C LEU A 35 -21.99 -27.66 3.27
N PHE A 36 -21.07 -28.20 2.46
CA PHE A 36 -21.31 -28.46 1.04
C PHE A 36 -21.57 -29.93 0.77
N ALA A 37 -22.34 -30.60 1.63
CA ALA A 37 -22.86 -31.92 1.32
C ALA A 37 -24.24 -31.86 0.68
N GLN A 38 -24.99 -30.78 0.91
CA GLN A 38 -26.33 -30.65 0.34
C GLN A 38 -26.28 -30.12 -1.09
N SER A 39 -25.59 -29.00 -1.31
CA SER A 39 -25.65 -28.28 -2.57
C SER A 39 -24.42 -28.60 -3.43
N PHE A 40 -24.41 -29.83 -3.96
CA PHE A 40 -23.40 -30.24 -4.93
C PHE A 40 -23.79 -31.60 -5.51
N PRO A 41 -23.49 -31.87 -6.78
CA PRO A 41 -23.94 -33.13 -7.39
C PRO A 41 -22.91 -34.26 -7.41
N GLU A 42 -21.66 -34.00 -7.02
CA GLU A 42 -20.58 -34.96 -7.22
C GLU A 42 -20.79 -36.28 -6.50
N TRP A 43 -20.77 -36.25 -5.16
CA TRP A 43 -20.99 -37.45 -4.37
C TRP A 43 -22.40 -37.46 -3.79
N PHE A 44 -23.18 -36.42 -4.06
CA PHE A 44 -24.54 -36.25 -3.56
C PHE A 44 -24.57 -36.45 -2.05
N GLY A 45 -23.74 -35.64 -1.38
CA GLY A 45 -23.47 -35.78 0.04
C GLY A 45 -22.03 -36.13 0.31
N THR A 46 -21.21 -35.13 0.63
CA THR A 46 -19.85 -35.33 1.08
C THR A 46 -19.76 -35.59 2.58
N LEU A 47 -20.85 -36.08 3.19
CA LEU A 47 -20.86 -36.39 4.61
C LEU A 47 -19.70 -37.31 5.00
N GLY A 48 -19.39 -38.28 4.13
CA GLY A 48 -18.29 -39.19 4.40
C GLY A 48 -17.38 -39.38 3.20
N ALA A 49 -17.16 -38.31 2.44
CA ALA A 49 -16.33 -38.38 1.23
C ALA A 49 -15.08 -37.52 1.35
N SER A 50 -14.65 -37.19 2.57
CA SER A 50 -13.54 -36.25 2.74
C SER A 50 -12.19 -36.91 2.54
N MSE A 51 -12.00 -38.12 3.05
CA MSE A 51 -10.73 -38.82 2.84
C MSE A 51 -10.77 -39.55 1.49
O MSE A 51 -9.73 -39.86 0.86
CB MSE A 51 -10.48 -39.77 4.02
CG MSE A 51 -10.18 -38.99 5.30
SE MSE A 51 -10.05 -40.04 6.93
CE MSE A 51 -11.95 -40.24 7.30
N TYR A 52 -11.99 -39.76 1.03
CA TYR A 52 -12.22 -40.08 -0.37
C TYR A 52 -11.61 -38.98 -1.25
N THR A 53 -11.91 -37.72 -0.91
CA THR A 53 -11.26 -36.61 -1.59
C THR A 53 -9.80 -36.47 -1.19
N LEU A 54 -9.36 -37.05 -0.08
CA LEU A 54 -7.91 -37.17 0.15
C LEU A 54 -7.27 -37.87 -1.04
N PHE A 55 -7.62 -39.15 -1.23
CA PHE A 55 -6.95 -39.87 -2.31
C PHE A 55 -7.40 -39.38 -3.68
N GLN A 56 -8.39 -38.50 -3.73
CA GLN A 56 -8.70 -37.82 -4.99
C GLN A 56 -7.75 -36.64 -5.23
N VAL A 57 -7.77 -35.63 -4.35
CA VAL A 57 -7.23 -34.32 -4.65
C VAL A 57 -5.83 -34.10 -4.10
N MSE A 58 -5.16 -35.15 -3.61
CA MSE A 58 -3.76 -34.89 -3.25
C MSE A 58 -2.87 -34.87 -4.50
O MSE A 58 -2.01 -35.73 -4.68
CB MSE A 58 -3.25 -35.88 -2.22
CG MSE A 58 -4.12 -35.84 -1.01
SE MSE A 58 -4.35 -34.03 -0.33
CE MSE A 58 -5.90 -34.36 0.82
N THR A 59 -3.10 -33.84 -5.34
CA THR A 59 -2.31 -33.50 -6.52
C THR A 59 -1.92 -34.73 -7.37
N LEU A 60 -2.76 -35.76 -7.35
CA LEU A 60 -2.55 -36.94 -8.18
C LEU A 60 -3.64 -37.01 -9.25
N GLU A 61 -3.25 -37.51 -10.43
CA GLU A 61 -4.11 -37.71 -11.58
C GLU A 61 -4.45 -36.39 -12.26
N SER A 62 -4.07 -35.27 -11.62
CA SER A 62 -4.11 -33.93 -12.21
C SER A 62 -5.52 -33.47 -12.61
N TRP A 63 -6.55 -34.26 -12.29
CA TRP A 63 -7.93 -33.91 -12.59
C TRP A 63 -8.72 -33.57 -11.34
N SER A 64 -8.13 -33.73 -10.15
CA SER A 64 -8.85 -33.54 -8.91
C SER A 64 -8.92 -32.06 -8.50
N MSE A 65 -7.93 -31.27 -8.85
CA MSE A 65 -8.10 -29.83 -8.75
C MSE A 65 -9.06 -29.42 -9.89
O MSE A 65 -9.82 -28.43 -9.80
CB MSE A 65 -6.73 -29.16 -8.75
CG MSE A 65 -5.84 -29.49 -9.92
SE MSE A 65 -3.98 -29.01 -9.54
CE MSE A 65 -4.07 -27.07 -9.66
N GLY A 66 -9.07 -30.26 -10.92
CA GLY A 66 -10.15 -30.21 -11.90
C GLY A 66 -11.52 -30.37 -11.28
N ILE A 67 -11.63 -31.14 -10.18
CA ILE A 67 -12.91 -31.21 -9.45
C ILE A 67 -12.96 -30.18 -8.32
N ALA A 68 -11.85 -29.53 -8.01
CA ALA A 68 -11.91 -28.30 -7.22
C ALA A 68 -12.58 -27.18 -7.99
N ARG A 69 -12.60 -27.27 -9.31
CA ARG A 69 -13.43 -26.39 -10.14
C ARG A 69 -14.89 -26.27 -9.69
N PRO A 70 -15.65 -27.37 -9.44
CA PRO A 70 -16.97 -27.21 -8.82
C PRO A 70 -16.99 -26.42 -7.52
N VAL A 71 -15.82 -26.16 -6.93
CA VAL A 71 -15.76 -25.20 -5.83
C VAL A 71 -15.59 -23.77 -6.35
N ILE A 72 -14.94 -23.60 -7.52
CA ILE A 72 -15.02 -22.32 -8.23
C ILE A 72 -16.47 -21.95 -8.46
N GLU A 73 -17.33 -22.95 -8.65
CA GLU A 73 -18.77 -22.66 -8.76
C GLU A 73 -19.33 -21.94 -7.53
N ALA A 74 -18.62 -21.90 -6.41
CA ALA A 74 -19.12 -21.33 -5.16
C ALA A 74 -18.11 -20.36 -4.56
N TYR A 75 -17.65 -19.39 -5.36
CA TYR A 75 -16.54 -18.51 -4.98
C TYR A 75 -16.81 -17.52 -3.84
N PRO A 76 -18.04 -16.94 -3.67
CA PRO A 76 -18.17 -15.81 -2.72
C PRO A 76 -17.75 -16.11 -1.29
N TRP A 77 -18.37 -17.09 -0.63
CA TRP A 77 -18.01 -17.43 0.75
C TRP A 77 -17.42 -18.82 0.88
N ALA A 78 -17.09 -19.47 -0.23
CA ALA A 78 -16.58 -20.85 -0.20
C ALA A 78 -15.43 -21.01 -1.19
N TRP A 79 -14.51 -20.06 -1.18
CA TRP A 79 -13.38 -20.05 -2.10
C TRP A 79 -12.11 -20.67 -1.53
N ILE A 80 -11.83 -20.47 -0.24
CA ILE A 80 -10.54 -20.84 0.33
C ILE A 80 -10.38 -22.35 0.49
N TYR A 81 -11.37 -23.14 0.06
CA TYR A 81 -11.36 -24.55 0.42
C TYR A 81 -10.46 -25.38 -0.50
N PHE A 82 -10.38 -25.04 -1.78
CA PHE A 82 -9.34 -25.67 -2.58
C PHE A 82 -7.97 -25.07 -2.34
N VAL A 83 -7.91 -23.87 -1.74
CA VAL A 83 -6.65 -23.43 -1.16
C VAL A 83 -6.26 -24.35 -0.01
N SER A 84 -7.26 -24.85 0.74
CA SER A 84 -6.99 -25.87 1.75
C SER A 84 -6.54 -27.18 1.10
N PHE A 85 -7.12 -27.53 -0.05
CA PHE A 85 -6.60 -28.64 -0.85
C PHE A 85 -5.09 -28.47 -1.08
N ILE A 86 -4.71 -27.32 -1.63
CA ILE A 86 -3.32 -27.03 -1.94
C ILE A 86 -2.44 -27.17 -0.70
N LEU A 87 -2.87 -26.54 0.39
CA LEU A 87 -2.17 -26.69 1.67
C LEU A 87 -1.94 -28.16 1.99
N VAL A 88 -3.04 -28.92 2.15
CA VAL A 88 -2.95 -30.30 2.60
C VAL A 88 -1.98 -31.11 1.74
N SER A 89 -2.01 -30.87 0.42
CA SER A 89 -1.05 -31.53 -0.46
C SER A 89 0.38 -31.17 -0.08
N SER A 90 0.64 -29.87 0.15
CA SER A 90 1.98 -29.44 0.54
C SER A 90 2.40 -30.07 1.86
N PHE A 91 1.49 -30.09 2.84
CA PHE A 91 1.66 -30.79 4.11
C PHE A 91 2.26 -32.16 3.88
N THR A 92 1.48 -32.99 3.19
CA THR A 92 1.87 -34.38 2.98
C THR A 92 3.26 -34.46 2.36
N VAL A 93 3.39 -33.90 1.16
CA VAL A 93 4.61 -34.07 0.37
C VAL A 93 5.82 -33.64 1.18
N LEU A 94 5.86 -32.36 1.56
CA LEU A 94 7.06 -31.82 2.18
C LEU A 94 7.39 -32.54 3.48
N ASN A 95 6.44 -32.57 4.41
CA ASN A 95 6.72 -33.14 5.73
C ASN A 95 7.28 -34.57 5.60
N LEU A 96 6.50 -35.46 4.97
CA LEU A 96 6.89 -36.86 4.94
C LEU A 96 8.21 -37.05 4.21
N PHE A 97 8.37 -36.37 3.07
CA PHE A 97 9.53 -36.64 2.22
C PHE A 97 10.82 -36.17 2.89
N ILE A 98 10.79 -34.99 3.52
CA ILE A 98 11.95 -34.49 4.24
C ILE A 98 12.34 -35.45 5.36
N GLY A 99 11.33 -35.92 6.12
CA GLY A 99 11.62 -36.89 7.17
C GLY A 99 12.39 -38.09 6.64
N ILE A 100 11.90 -38.68 5.54
CA ILE A 100 12.53 -39.89 5.02
C ILE A 100 13.95 -39.61 4.54
N ILE A 101 14.17 -38.46 3.90
CA ILE A 101 15.51 -38.13 3.40
C ILE A 101 16.52 -38.07 4.55
N ILE A 102 16.16 -37.36 5.62
CA ILE A 102 17.12 -37.22 6.73
C ILE A 102 17.33 -38.57 7.41
N GLU A 103 16.29 -39.40 7.50
CA GLU A 103 16.45 -40.81 7.87
C GLU A 103 17.63 -41.47 7.15
N SER A 104 17.56 -41.45 5.82
CA SER A 104 18.56 -42.15 5.03
C SER A 104 19.96 -41.63 5.31
N MSE A 105 20.12 -40.30 5.34
CA MSE A 105 21.49 -39.77 5.53
C MSE A 105 22.05 -40.07 6.93
O MSE A 105 23.28 -40.32 7.09
CB MSE A 105 21.54 -38.26 5.26
CG MSE A 105 20.77 -37.37 6.21
SE MSE A 105 20.87 -35.51 5.66
CE MSE A 105 19.42 -35.47 4.37
N GLN A 106 21.17 -40.03 7.94
CA GLN A 106 21.51 -40.49 9.29
C GLN A 106 22.21 -41.85 9.24
N SER A 107 21.49 -42.84 8.70
CA SER A 107 22.03 -44.20 8.65
C SER A 107 23.37 -44.22 7.93
N ALA A 108 23.43 -43.57 6.76
CA ALA A 108 24.63 -43.61 5.93
C ALA A 108 25.87 -43.17 6.72
N HIS A 109 25.88 -41.91 7.16
CA HIS A 109 27.00 -41.41 7.94
C HIS A 109 27.42 -42.38 9.04
N HIS A 110 26.50 -42.68 9.97
CA HIS A 110 26.98 -43.30 11.20
C HIS A 110 27.56 -44.68 10.91
N ALA A 111 26.82 -45.51 10.17
CA ALA A 111 27.29 -46.87 9.94
C ALA A 111 28.60 -46.90 9.16
N GLU A 112 28.68 -46.11 8.08
CA GLU A 112 29.86 -46.17 7.21
C GLU A 112 31.13 -45.75 7.95
N ASP A 113 31.05 -44.66 8.74
CA ASP A 113 32.27 -44.23 9.43
C ASP A 113 32.66 -45.20 10.55
N GLY A 114 31.68 -45.82 11.23
CA GLY A 114 32.03 -46.86 12.19
C GLY A 114 32.80 -48.01 11.55
N GLU A 115 32.37 -48.42 10.35
CA GLU A 115 33.08 -49.49 9.66
C GLU A 115 34.53 -49.11 9.35
N ARG A 116 34.74 -47.85 8.95
CA ARG A 116 36.12 -47.41 8.70
C ARG A 116 36.97 -47.49 9.98
N THR A 117 36.38 -47.15 11.12
CA THR A 117 37.11 -47.30 12.38
C THR A 117 37.48 -48.76 12.64
N ASP A 118 36.58 -49.69 12.32
CA ASP A 118 36.92 -51.12 12.44
C ASP A 118 38.15 -51.47 11.59
N ALA A 119 38.24 -50.88 10.39
CA ALA A 119 39.45 -51.05 9.61
C ALA A 119 40.69 -50.60 10.39
N TYR A 120 40.61 -49.44 11.04
CA TYR A 120 41.76 -49.05 11.86
C TYR A 120 42.10 -50.11 12.92
N ARG A 121 41.09 -50.79 13.44
CA ARG A 121 41.41 -51.85 14.41
C ARG A 121 42.18 -53.01 13.75
N ASP A 122 41.88 -53.33 12.49
CA ASP A 122 42.73 -54.33 11.83
C ASP A 122 44.18 -53.83 11.81
N GLU A 123 44.35 -52.52 11.62
CA GLU A 123 45.71 -51.97 11.71
C GLU A 123 46.32 -52.14 13.10
N VAL A 124 45.52 -52.14 14.16
CA VAL A 124 46.12 -52.39 15.48
C VAL A 124 46.69 -53.81 15.52
N LEU A 125 45.98 -54.76 14.91
CA LEU A 125 46.54 -56.11 14.84
C LEU A 125 47.79 -56.15 13.96
N ALA A 126 47.92 -55.24 13.00
CA ALA A 126 49.19 -55.13 12.27
C ALA A 126 50.32 -54.68 13.20
N ARG A 127 50.14 -53.52 13.82
CA ARG A 127 51.12 -53.04 14.79
C ARG A 127 51.56 -54.19 15.71
N LEU A 128 50.64 -55.12 16.00
CA LEU A 128 51.20 -56.31 16.65
C LEU A 128 51.74 -57.37 15.70
N GLU A 129 51.54 -57.28 14.37
CA GLU A 129 52.35 -58.15 13.50
C GLU A 129 53.81 -57.93 13.79
N GLN A 130 54.17 -56.70 14.11
CA GLN A 130 55.55 -56.48 14.56
C GLN A 130 55.71 -56.58 16.07
N ILE A 131 54.61 -56.69 16.82
CA ILE A 131 54.72 -57.13 18.21
C ILE A 131 54.78 -58.67 18.24
N ASP A 132 55.03 -59.29 17.08
CA ASP A 132 54.83 -60.73 16.90
C ASP A 132 55.91 -61.32 16.00
N GLN A 133 55.56 -62.38 15.25
CA GLN A 133 56.44 -63.36 14.61
C GLN A 133 57.83 -62.86 14.21
N ARG A 134 57.93 -61.65 13.68
CA ARG A 134 59.23 -61.13 13.26
C ARG A 134 60.01 -60.55 14.44
N LEU A 135 59.73 -61.08 15.64
CA LEU A 135 60.36 -60.65 16.88
C LEU A 135 61.88 -60.53 16.78
N ASN A 136 62.51 -61.31 15.91
CA ASN A 136 63.98 -61.31 15.75
C ASN A 136 64.69 -61.73 17.02
N LEU B 8 22.06 -32.50 6.45
CA LEU B 8 23.04 -31.69 5.75
C LEU B 8 22.34 -30.60 4.94
N ARG B 9 21.56 -31.03 3.95
CA ARG B 9 20.87 -30.13 3.02
C ARG B 9 19.39 -30.12 3.39
N ALA B 10 19.03 -29.27 4.36
CA ALA B 10 17.71 -29.29 4.97
C ALA B 10 16.94 -27.98 4.76
N ILE B 11 17.25 -27.27 3.68
CA ILE B 11 16.45 -26.12 3.26
C ILE B 11 15.03 -26.59 2.92
N PRO B 12 14.84 -27.81 2.40
CA PRO B 12 13.49 -28.40 2.47
C PRO B 12 12.91 -28.40 3.88
N GLY B 13 13.71 -28.69 4.90
CA GLY B 13 13.22 -28.59 6.27
C GLY B 13 12.86 -27.17 6.66
N ILE B 14 13.60 -26.19 6.12
CA ILE B 14 13.19 -24.80 6.27
C ILE B 14 11.79 -24.60 5.70
N ALA B 15 11.53 -25.18 4.53
CA ALA B 15 10.20 -25.09 3.93
C ALA B 15 9.14 -25.78 4.80
N TRP B 16 9.51 -26.91 5.40
CA TRP B 16 8.69 -27.59 6.40
C TRP B 16 8.25 -26.65 7.53
N ILE B 17 9.22 -26.05 8.22
CA ILE B 17 8.88 -25.17 9.33
C ILE B 17 8.09 -23.96 8.82
N ALA B 18 8.43 -23.47 7.62
CA ALA B 18 7.70 -22.34 7.06
C ALA B 18 6.24 -22.69 6.81
N LEU B 19 5.97 -23.88 6.28
CA LEU B 19 4.58 -24.25 6.03
C LEU B 19 3.82 -24.39 7.33
N LEU B 20 4.46 -24.95 8.37
CA LEU B 20 3.77 -25.05 9.67
C LEU B 20 3.42 -23.66 10.22
N LEU B 21 4.37 -22.74 10.17
CA LEU B 21 4.09 -21.40 10.70
C LEU B 21 3.05 -20.67 9.86
N LEU B 22 3.04 -20.91 8.56
CA LEU B 22 1.97 -20.35 7.75
C LEU B 22 0.64 -21.04 8.05
N VAL B 23 0.67 -22.28 8.54
CA VAL B 23 -0.56 -22.90 9.03
C VAL B 23 -1.10 -22.11 10.21
N ILE B 24 -0.21 -21.73 11.13
CA ILE B 24 -0.62 -20.81 12.20
C ILE B 24 -1.26 -19.56 11.60
N PHE B 25 -0.58 -18.95 10.62
CA PHE B 25 -1.12 -17.82 9.87
C PHE B 25 -2.58 -18.03 9.47
N TYR B 26 -2.84 -19.11 8.70
CA TYR B 26 -4.16 -19.33 8.13
C TYR B 26 -5.20 -19.58 9.22
N VAL B 27 -4.90 -20.51 10.13
CA VAL B 27 -5.90 -20.92 11.11
C VAL B 27 -6.21 -19.78 12.06
N PHE B 28 -5.23 -18.93 12.37
CA PHE B 28 -5.54 -17.86 13.30
C PHE B 28 -6.29 -16.75 12.58
N ALA B 29 -6.03 -16.58 11.28
CA ALA B 29 -6.87 -15.69 10.48
C ALA B 29 -8.31 -16.17 10.45
N VAL B 30 -8.52 -17.49 10.40
CA VAL B 30 -9.88 -18.02 10.42
C VAL B 30 -10.54 -17.77 11.78
N MSE B 31 -9.81 -18.02 12.86
CA MSE B 31 -10.35 -17.75 14.19
C MSE B 31 -10.65 -16.27 14.36
O MSE B 31 -11.58 -15.87 15.08
CB MSE B 31 -9.40 -18.23 15.29
CG MSE B 31 -9.94 -18.00 16.69
SE MSE B 31 -8.89 -18.80 18.11
CE MSE B 31 -9.85 -18.04 19.63
N GLY B 32 -9.87 -15.43 13.67
CA GLY B 32 -10.14 -14.00 13.69
C GLY B 32 -11.38 -13.61 12.92
N THR B 33 -11.58 -14.23 11.76
CA THR B 33 -12.87 -14.16 11.07
C THR B 33 -14.00 -14.50 12.03
N LYS B 34 -13.81 -15.51 12.87
CA LYS B 34 -14.85 -15.87 13.82
C LYS B 34 -15.07 -14.78 14.86
N LEU B 35 -14.03 -14.45 15.63
CA LEU B 35 -14.21 -13.52 16.76
C LEU B 35 -14.50 -12.11 16.27
N PHE B 36 -13.71 -11.60 15.33
CA PHE B 36 -13.92 -10.25 14.80
C PHE B 36 -14.28 -10.33 13.32
N ALA B 37 -15.59 -10.37 13.04
CA ALA B 37 -16.13 -10.16 11.71
C ALA B 37 -17.06 -8.96 11.66
N GLN B 38 -18.04 -8.89 12.55
CA GLN B 38 -18.98 -7.79 12.61
C GLN B 38 -18.51 -6.68 13.55
N SER B 39 -17.60 -6.98 14.47
CA SER B 39 -17.22 -6.01 15.51
C SER B 39 -16.54 -4.80 14.92
N PHE B 40 -15.41 -5.00 14.21
CA PHE B 40 -14.93 -3.78 13.59
C PHE B 40 -15.72 -3.49 12.32
N PRO B 41 -15.92 -2.20 12.02
CA PRO B 41 -16.27 -1.79 10.65
C PRO B 41 -15.06 -1.57 9.75
N GLU B 42 -13.87 -1.96 10.22
CA GLU B 42 -12.65 -1.70 9.47
C GLU B 42 -12.64 -2.42 8.13
N TRP B 43 -13.09 -3.64 8.10
CA TRP B 43 -13.37 -4.36 6.87
C TRP B 43 -14.78 -4.94 6.86
N PHE B 44 -15.21 -5.52 7.97
CA PHE B 44 -16.59 -5.88 8.29
C PHE B 44 -17.07 -7.03 7.40
N GLY B 45 -16.36 -7.25 6.28
CA GLY B 45 -16.48 -8.44 5.46
C GLY B 45 -15.33 -9.40 5.59
N THR B 46 -14.99 -9.89 6.79
CA THR B 46 -13.79 -10.71 6.95
C THR B 46 -14.07 -12.13 6.42
N LEU B 47 -14.49 -12.16 5.15
CA LEU B 47 -14.96 -13.38 4.52
C LEU B 47 -14.23 -13.60 3.19
N GLY B 48 -13.91 -12.50 2.51
CA GLY B 48 -13.20 -12.57 1.26
C GLY B 48 -11.70 -12.54 1.44
N ALA B 49 -11.20 -11.57 2.22
CA ALA B 49 -9.77 -11.41 2.42
C ALA B 49 -9.43 -11.28 3.91
N SER B 50 -9.44 -12.41 4.60
CA SER B 50 -8.91 -12.47 5.96
C SER B 50 -7.38 -12.46 5.91
N MSE B 51 -6.83 -13.22 4.97
CA MSE B 51 -5.43 -13.15 4.64
C MSE B 51 -5.04 -11.71 4.42
O MSE B 51 -4.32 -11.17 5.23
CB MSE B 51 -5.10 -13.99 3.40
CG MSE B 51 -5.22 -15.49 3.63
SE MSE B 51 -4.65 -16.53 2.09
CE MSE B 51 -6.20 -16.26 0.94
N TYR B 52 -5.61 -11.08 3.40
CA TYR B 52 -5.23 -9.70 3.07
C TYR B 52 -5.36 -8.78 4.28
N THR B 53 -6.40 -8.97 5.10
CA THR B 53 -6.51 -8.23 6.35
C THR B 53 -5.22 -8.35 7.16
N LEU B 54 -4.87 -9.57 7.60
CA LEU B 54 -3.72 -9.66 8.51
C LEU B 54 -2.40 -9.38 7.79
N PHE B 55 -2.31 -9.74 6.51
CA PHE B 55 -1.26 -9.31 5.61
C PHE B 55 -0.92 -7.84 5.79
N GLN B 56 -1.89 -6.96 5.57
CA GLN B 56 -1.63 -5.55 5.81
C GLN B 56 -1.37 -5.25 7.27
N VAL B 57 -2.00 -5.99 8.20
CA VAL B 57 -1.75 -5.70 9.61
C VAL B 57 -0.28 -5.91 9.94
N MSE B 58 0.41 -6.74 9.17
CA MSE B 58 1.80 -7.08 9.46
C MSE B 58 2.79 -5.97 9.11
O MSE B 58 3.33 -5.93 8.01
CB MSE B 58 2.18 -8.37 8.72
CG MSE B 58 1.46 -9.60 9.25
SE MSE B 58 1.76 -11.19 8.18
CE MSE B 58 3.60 -11.57 8.68
N THR B 59 3.02 -5.07 10.08
CA THR B 59 4.11 -4.09 10.10
C THR B 59 4.35 -3.43 8.73
N LEU B 60 3.34 -2.70 8.26
CA LEU B 60 3.44 -1.95 7.01
C LEU B 60 2.97 -0.53 7.26
N GLU B 61 3.91 0.43 7.19
CA GLU B 61 3.65 1.87 7.31
C GLU B 61 3.06 2.27 8.65
N SER B 62 3.00 1.35 9.62
CA SER B 62 2.47 1.61 10.96
C SER B 62 1.00 2.00 10.93
N TRP B 63 0.40 1.99 9.74
CA TRP B 63 -1.02 2.24 9.56
C TRP B 63 -1.85 1.01 9.95
N SER B 64 -1.17 -0.10 10.18
CA SER B 64 -1.79 -1.40 10.44
C SER B 64 -2.15 -1.62 11.90
N MSE B 65 -1.37 -1.07 12.82
CA MSE B 65 -1.76 -1.13 14.22
C MSE B 65 -3.00 -0.22 14.34
O MSE B 65 -3.93 -0.43 15.16
CB MSE B 65 -0.58 -0.68 15.08
CG MSE B 65 0.64 -1.55 14.77
SE MSE B 65 2.38 -1.00 15.46
CE MSE B 65 3.48 -2.30 14.50
N GLY B 66 -3.00 0.78 13.46
CA GLY B 66 -4.18 1.57 13.24
C GLY B 66 -5.31 0.80 12.59
N ILE B 67 -5.01 -0.26 11.85
CA ILE B 67 -6.08 -1.17 11.44
C ILE B 67 -6.58 -1.95 12.64
N ALA B 68 -5.68 -2.20 13.61
CA ALA B 68 -5.97 -3.09 14.73
C ALA B 68 -6.79 -2.44 15.83
N ARG B 69 -6.82 -1.12 15.92
CA ARG B 69 -7.69 -0.53 16.94
C ARG B 69 -9.19 -0.49 16.61
N PRO B 70 -9.60 -0.31 15.34
CA PRO B 70 -11.04 -0.43 15.03
C PRO B 70 -11.64 -1.73 15.52
N VAL B 71 -10.82 -2.67 16.00
CA VAL B 71 -11.30 -3.80 16.77
C VAL B 71 -10.94 -3.68 18.26
N ILE B 72 -10.20 -2.63 18.66
CA ILE B 72 -10.33 -2.11 20.03
C ILE B 72 -11.78 -1.73 20.27
N GLU B 73 -12.55 -1.56 19.20
CA GLU B 73 -14.01 -1.64 19.31
C GLU B 73 -14.46 -2.80 20.20
N ALA B 74 -13.70 -3.90 20.21
CA ALA B 74 -13.90 -5.01 21.14
C ALA B 74 -12.60 -5.16 21.95
N TYR B 75 -12.59 -4.59 23.16
CA TYR B 75 -11.31 -4.46 23.88
C TYR B 75 -10.76 -5.81 24.28
N PRO B 76 -11.40 -6.60 25.15
CA PRO B 76 -10.79 -7.84 25.62
C PRO B 76 -11.01 -9.03 24.70
N TRP B 77 -11.68 -8.82 23.57
CA TRP B 77 -12.12 -9.91 22.70
C TRP B 77 -11.39 -9.87 21.37
N ALA B 78 -10.33 -9.04 21.27
CA ALA B 78 -9.50 -8.96 20.08
C ALA B 78 -8.02 -8.68 20.39
N TRP B 79 -7.64 -8.65 21.67
CA TRP B 79 -6.24 -8.37 22.04
C TRP B 79 -5.36 -9.56 21.71
N ILE B 80 -5.94 -10.77 21.81
CA ILE B 80 -5.26 -12.01 21.50
C ILE B 80 -4.79 -12.05 20.06
N TYR B 81 -5.35 -11.21 19.19
CA TYR B 81 -4.88 -11.18 17.81
C TYR B 81 -3.69 -10.27 17.63
N PHE B 82 -3.60 -9.19 18.42
CA PHE B 82 -2.38 -8.42 18.50
C PHE B 82 -1.23 -9.35 18.90
N VAL B 83 -1.43 -10.12 19.97
CA VAL B 83 -0.37 -11.05 20.36
C VAL B 83 -0.29 -12.26 19.40
N SER B 84 -1.32 -12.50 18.60
CA SER B 84 -1.24 -13.53 17.57
C SER B 84 -0.29 -13.15 16.46
N PHE B 85 -0.31 -11.88 16.06
CA PHE B 85 0.62 -11.46 15.03
C PHE B 85 2.03 -11.37 15.60
N ILE B 86 2.14 -11.02 16.89
CA ILE B 86 3.40 -11.29 17.61
C ILE B 86 3.85 -12.73 17.39
N LEU B 87 2.95 -13.68 17.69
CA LEU B 87 3.24 -15.10 17.53
C LEU B 87 3.77 -15.40 16.13
N VAL B 88 2.97 -15.08 15.11
CA VAL B 88 3.34 -15.40 13.73
C VAL B 88 4.73 -14.85 13.41
N SER B 89 4.89 -13.53 13.51
CA SER B 89 6.14 -12.89 13.09
C SER B 89 7.34 -13.47 13.84
N SER B 90 7.34 -13.30 15.16
CA SER B 90 8.52 -13.66 15.94
C SER B 90 8.79 -15.16 15.85
N PHE B 91 7.77 -15.98 16.08
CA PHE B 91 7.93 -17.42 16.10
C PHE B 91 8.49 -17.91 14.76
N THR B 92 7.94 -17.43 13.64
CA THR B 92 8.37 -17.91 12.33
C THR B 92 9.81 -17.52 12.02
N VAL B 93 10.13 -16.23 12.18
CA VAL B 93 11.49 -15.78 11.87
C VAL B 93 12.50 -16.50 12.74
N LEU B 94 12.18 -16.65 14.03
CA LEU B 94 13.11 -17.31 14.94
C LEU B 94 13.24 -18.79 14.62
N ASN B 95 12.19 -19.43 14.11
CA ASN B 95 12.28 -20.82 13.70
C ASN B 95 13.23 -21.00 12.52
N LEU B 96 13.10 -20.14 11.50
CA LEU B 96 13.95 -20.31 10.33
C LEU B 96 15.42 -20.07 10.70
N PHE B 97 15.68 -19.08 11.56
CA PHE B 97 17.07 -18.90 12.01
C PHE B 97 17.53 -20.03 12.93
N ILE B 98 16.61 -20.63 13.71
CA ILE B 98 16.93 -21.86 14.45
C ILE B 98 17.47 -22.93 13.52
N GLY B 99 16.72 -23.21 12.46
CA GLY B 99 17.12 -24.22 11.50
C GLY B 99 18.52 -23.94 11.01
N ILE B 100 18.71 -22.72 10.49
CA ILE B 100 20.01 -22.32 9.95
C ILE B 100 21.13 -22.62 10.95
N ILE B 101 21.05 -21.98 12.13
CA ILE B 101 22.13 -22.04 13.10
C ILE B 101 22.43 -23.49 13.49
N ILE B 102 21.43 -24.15 14.07
CA ILE B 102 21.67 -25.45 14.69
C ILE B 102 22.16 -26.46 13.67
N GLU B 103 21.44 -26.59 12.56
CA GLU B 103 21.75 -27.69 11.67
C GLU B 103 23.04 -27.43 10.89
N SER B 104 23.32 -26.16 10.55
CA SER B 104 24.61 -25.84 9.93
C SER B 104 25.76 -26.20 10.87
N MSE B 105 25.64 -25.90 12.16
CA MSE B 105 26.77 -26.17 13.05
C MSE B 105 26.94 -27.66 13.34
O MSE B 105 28.07 -28.14 13.59
CB MSE B 105 26.62 -25.36 14.33
CG MSE B 105 26.54 -23.87 14.05
SE MSE B 105 28.08 -23.23 13.04
CE MSE B 105 27.51 -21.38 12.73
N GLN B 106 25.85 -28.42 13.28
CA GLN B 106 25.94 -29.88 13.28
C GLN B 106 26.79 -30.38 12.11
N SER B 107 26.47 -29.92 10.90
CA SER B 107 27.27 -30.27 9.73
C SER B 107 28.74 -29.87 9.93
N ALA B 108 28.97 -28.71 10.57
CA ALA B 108 30.33 -28.24 10.83
C ALA B 108 31.10 -29.23 11.69
N HIS B 109 30.51 -29.64 12.82
CA HIS B 109 31.09 -30.73 13.62
C HIS B 109 31.54 -31.90 12.76
N HIS B 110 30.60 -32.52 12.03
CA HIS B 110 31.00 -33.70 11.26
C HIS B 110 32.18 -33.42 10.32
N ALA B 111 32.07 -32.38 9.50
CA ALA B 111 33.12 -32.13 8.51
C ALA B 111 34.49 -31.96 9.16
N GLU B 112 34.59 -31.03 10.12
CA GLU B 112 35.89 -30.67 10.66
C GLU B 112 36.51 -31.81 11.47
N ASP B 113 35.69 -32.49 12.29
CA ASP B 113 36.27 -33.55 13.09
C ASP B 113 36.62 -34.76 12.22
N GLY B 114 35.94 -34.94 11.08
CA GLY B 114 36.38 -35.95 10.13
C GLY B 114 37.73 -35.64 9.53
N GLU B 115 37.99 -34.35 9.25
CA GLU B 115 39.34 -33.98 8.83
C GLU B 115 40.39 -34.38 9.87
N ARG B 116 40.08 -34.12 11.15
CA ARG B 116 41.00 -34.54 12.22
C ARG B 116 41.22 -36.05 12.20
N THR B 117 40.15 -36.82 12.00
CA THR B 117 40.33 -38.27 11.90
C THR B 117 41.11 -38.70 10.66
N ASP B 118 41.17 -37.85 9.63
CA ASP B 118 42.07 -38.17 8.53
C ASP B 118 43.53 -37.98 8.94
N ALA B 119 43.79 -37.01 9.81
CA ALA B 119 45.10 -37.00 10.47
C ALA B 119 45.35 -38.32 11.22
N TYR B 120 44.29 -38.86 11.83
CA TYR B 120 44.41 -40.20 12.44
C TYR B 120 44.84 -41.24 11.40
N ARG B 121 44.32 -41.13 10.19
CA ARG B 121 44.84 -41.94 9.08
C ARG B 121 46.36 -41.80 8.95
N ASP B 122 46.87 -40.57 9.11
CA ASP B 122 48.32 -40.40 8.91
C ASP B 122 49.12 -41.13 10.00
N GLU B 123 48.59 -41.15 11.23
CA GLU B 123 49.30 -41.91 12.27
C GLU B 123 49.33 -43.40 11.95
N VAL B 124 48.22 -43.90 11.39
CA VAL B 124 48.22 -45.27 10.85
C VAL B 124 49.41 -45.46 9.93
N LEU B 125 49.60 -44.52 9.00
CA LEU B 125 50.69 -44.61 8.03
C LEU B 125 52.05 -44.72 8.72
N ALA B 126 52.28 -43.88 9.73
CA ALA B 126 53.59 -43.88 10.39
C ALA B 126 53.90 -45.24 11.04
N ARG B 127 52.91 -45.82 11.70
CA ARG B 127 53.27 -47.07 12.38
C ARG B 127 53.40 -48.22 11.37
N LEU B 128 52.60 -48.19 10.30
CA LEU B 128 52.79 -49.19 9.26
C LEU B 128 54.11 -48.98 8.53
N GLU B 129 54.71 -47.78 8.63
CA GLU B 129 56.15 -47.63 8.35
C GLU B 129 56.99 -48.46 9.30
N GLN B 130 56.68 -48.42 10.60
CA GLN B 130 57.44 -49.25 11.52
C GLN B 130 57.06 -50.74 11.50
N ILE B 131 56.44 -51.24 10.43
CA ILE B 131 56.29 -52.71 10.28
C ILE B 131 57.58 -53.54 10.42
N ASP B 132 58.53 -53.41 9.48
CA ASP B 132 59.52 -54.47 9.23
C ASP B 132 60.98 -54.06 9.38
N GLN B 133 61.28 -52.88 9.92
CA GLN B 133 62.64 -52.37 9.77
C GLN B 133 63.67 -53.08 10.66
N ARG B 134 63.27 -54.07 11.46
CA ARG B 134 64.18 -54.73 12.39
C ARG B 134 64.67 -56.09 11.91
N LEU B 135 64.57 -56.37 10.61
CA LEU B 135 65.09 -57.61 10.04
C LEU B 135 66.45 -57.46 9.37
N ASN B 136 66.80 -56.26 8.91
CA ASN B 136 68.00 -56.10 8.09
C ASN B 136 69.25 -55.72 8.88
N ALA B 137 69.21 -54.57 9.57
CA ALA B 137 70.38 -54.07 10.31
C ALA B 137 70.11 -54.28 11.79
N LEU B 138 70.24 -55.54 12.21
CA LEU B 138 69.98 -55.92 13.60
C LEU B 138 70.63 -57.27 13.93
N ARG C 9 -4.14 36.30 -28.47
CA ARG C 9 -4.86 36.34 -27.20
C ARG C 9 -4.86 34.97 -26.52
N ALA C 10 -4.37 34.94 -25.28
CA ALA C 10 -4.31 33.73 -24.49
C ALA C 10 -5.64 33.54 -23.75
N ILE C 11 -5.66 32.66 -22.75
CA ILE C 11 -6.87 32.38 -21.97
C ILE C 11 -7.40 33.60 -21.22
N PRO C 12 -6.70 34.73 -21.34
CA PRO C 12 -7.17 35.97 -20.72
C PRO C 12 -8.46 36.44 -21.37
N GLY C 13 -9.09 37.45 -20.76
CA GLY C 13 -10.34 37.99 -21.23
C GLY C 13 -10.24 39.52 -21.27
N ILE C 14 -11.00 40.11 -22.21
CA ILE C 14 -10.85 41.54 -22.48
C ILE C 14 -11.23 42.38 -21.26
N ALA C 15 -12.49 42.33 -20.83
CA ALA C 15 -12.88 43.07 -19.65
C ALA C 15 -12.22 42.53 -18.39
N TRP C 16 -11.66 41.32 -18.42
CA TRP C 16 -10.86 40.84 -17.31
C TRP C 16 -9.51 41.54 -17.26
N ILE C 17 -8.87 41.75 -18.42
CA ILE C 17 -7.70 42.61 -18.48
C ILE C 17 -8.04 44.01 -17.98
N ALA C 18 -9.17 44.56 -18.43
CA ALA C 18 -9.58 45.88 -17.95
C ALA C 18 -9.85 45.89 -16.45
N LEU C 19 -10.36 44.78 -15.91
CA LEU C 19 -10.59 44.68 -14.48
C LEU C 19 -9.26 44.76 -13.73
N LEU C 20 -8.25 44.03 -14.21
CA LEU C 20 -6.94 44.18 -13.61
C LEU C 20 -6.33 45.56 -13.88
N LEU C 21 -6.81 46.27 -14.89
CA LEU C 21 -6.36 47.65 -15.09
C LEU C 21 -6.89 48.56 -13.97
N LEU C 22 -8.17 48.47 -13.66
CA LEU C 22 -8.62 49.24 -12.50
C LEU C 22 -8.13 48.63 -11.18
N VAL C 23 -7.66 47.38 -11.19
CA VAL C 23 -6.93 46.87 -10.02
C VAL C 23 -5.60 47.59 -9.87
N ILE C 24 -4.88 47.79 -10.98
CA ILE C 24 -3.71 48.66 -10.98
C ILE C 24 -4.09 50.02 -10.42
N PHE C 25 -5.26 50.53 -10.83
CA PHE C 25 -5.77 51.78 -10.28
C PHE C 25 -5.82 51.73 -8.76
N TYR C 26 -6.49 50.71 -8.21
CA TYR C 26 -6.46 50.49 -6.77
C TYR C 26 -5.03 50.57 -6.23
N VAL C 27 -4.11 49.82 -6.83
CA VAL C 27 -2.75 49.72 -6.31
C VAL C 27 -2.16 51.11 -6.12
N PHE C 28 -1.99 51.83 -7.22
CA PHE C 28 -1.14 53.00 -7.20
C PHE C 28 -1.89 54.25 -6.76
N ALA C 29 -3.20 54.29 -7.01
CA ALA C 29 -4.08 55.27 -6.36
C ALA C 29 -3.98 55.18 -4.84
N VAL C 30 -4.23 54.00 -4.27
CA VAL C 30 -4.19 53.85 -2.82
C VAL C 30 -2.82 54.25 -2.29
N MSE C 31 -1.74 53.71 -2.88
CA MSE C 31 -0.40 54.06 -2.43
C MSE C 31 -0.19 55.57 -2.39
O MSE C 31 0.11 56.14 -1.32
CB MSE C 31 0.67 53.43 -3.31
CG MSE C 31 2.08 53.82 -2.89
SE MSE C 31 3.52 52.90 -3.80
CE MSE C 31 5.02 53.90 -3.04
N GLY C 32 -0.35 56.22 -3.54
CA GLY C 32 -0.07 57.65 -3.61
C GLY C 32 -0.97 58.47 -2.72
N THR C 33 -2.28 58.30 -2.85
CA THR C 33 -3.24 59.08 -2.07
C THR C 33 -3.21 58.73 -0.59
N LYS C 34 -2.45 57.71 -0.20
CA LYS C 34 -2.23 57.42 1.22
C LYS C 34 -0.91 57.96 1.72
N LEU C 35 0.09 58.15 0.85
CA LEU C 35 1.41 58.51 1.34
C LEU C 35 1.56 60.01 1.59
N PHE C 36 1.17 60.87 0.65
CA PHE C 36 1.42 62.30 0.78
C PHE C 36 0.15 63.12 0.94
N ALA C 37 -0.98 62.48 1.24
CA ALA C 37 -2.26 63.19 1.28
C ALA C 37 -2.25 64.29 2.33
N GLN C 38 -1.66 64.03 3.49
CA GLN C 38 -1.70 64.96 4.62
C GLN C 38 -0.76 66.15 4.42
N SER C 39 -0.20 66.35 3.22
CA SER C 39 0.81 67.38 3.06
C SER C 39 0.68 68.17 1.74
N PHE C 40 -0.48 68.17 1.08
CA PHE C 40 -0.51 68.87 -0.19
C PHE C 40 -1.90 69.41 -0.50
N PRO C 41 -1.99 70.65 -0.99
CA PRO C 41 -3.31 71.24 -1.29
C PRO C 41 -3.82 71.02 -2.71
N GLU C 42 -3.29 70.05 -3.45
CA GLU C 42 -3.84 69.77 -4.78
C GLU C 42 -5.16 69.01 -4.69
N TRP C 43 -5.13 67.83 -4.07
CA TRP C 43 -6.27 66.94 -3.88
C TRP C 43 -6.41 66.59 -2.40
N PHE C 44 -6.61 67.62 -1.57
CA PHE C 44 -6.14 67.69 -0.19
C PHE C 44 -6.23 66.33 0.51
N GLY C 45 -7.46 65.85 0.70
CA GLY C 45 -7.74 64.53 1.24
C GLY C 45 -8.11 63.51 0.18
N THR C 46 -7.17 63.16 -0.70
CA THR C 46 -7.50 62.37 -1.88
C THR C 46 -8.03 60.99 -1.48
N LEU C 47 -9.33 60.75 -1.68
CA LEU C 47 -9.93 59.47 -1.33
C LEU C 47 -10.44 58.73 -2.56
N GLY C 48 -11.34 59.34 -3.34
CA GLY C 48 -11.88 58.69 -4.51
C GLY C 48 -11.50 59.41 -5.78
N ALA C 49 -10.88 60.59 -5.62
CA ALA C 49 -10.42 61.39 -6.73
C ALA C 49 -9.11 60.92 -7.31
N SER C 50 -8.63 59.74 -6.91
CA SER C 50 -7.36 59.22 -7.40
C SER C 50 -7.48 58.74 -8.84
N MSE C 51 -8.43 57.83 -9.09
CA MSE C 51 -8.70 57.32 -10.41
C MSE C 51 -8.99 58.47 -11.36
O MSE C 51 -8.43 58.54 -12.46
CB MSE C 51 -9.88 56.35 -10.38
CG MSE C 51 -9.61 55.06 -9.64
SE MSE C 51 -11.21 53.94 -9.45
CE MSE C 51 -11.40 53.37 -11.29
N TYR C 52 -9.89 59.36 -10.93
CA TYR C 52 -10.18 60.55 -11.71
C TYR C 52 -8.92 61.33 -12.02
N THR C 53 -8.22 61.78 -10.98
CA THR C 53 -6.98 62.54 -11.12
C THR C 53 -6.09 61.96 -12.21
N LEU C 54 -5.74 60.67 -12.08
CA LEU C 54 -4.71 60.10 -12.93
C LEU C 54 -5.24 59.77 -14.33
N PHE C 55 -6.30 58.96 -14.40
CA PHE C 55 -6.90 58.60 -15.67
C PHE C 55 -7.41 59.82 -16.42
N GLN C 56 -7.49 60.98 -15.75
CA GLN C 56 -7.72 62.26 -16.37
C GLN C 56 -6.43 62.99 -16.70
N VAL C 57 -5.34 62.65 -16.00
CA VAL C 57 -4.04 63.21 -16.35
C VAL C 57 -3.58 62.70 -17.70
N MSE C 58 -3.88 61.44 -18.04
CA MSE C 58 -3.32 60.89 -19.27
C MSE C 58 -3.61 61.74 -20.51
O MSE C 58 -4.75 61.80 -20.98
CB MSE C 58 -3.87 59.50 -19.55
CG MSE C 58 -3.60 58.47 -18.50
SE MSE C 58 -4.09 56.76 -19.29
CE MSE C 58 -5.96 57.17 -19.63
N THR C 59 -2.56 62.39 -21.03
CA THR C 59 -2.55 63.16 -22.28
C THR C 59 -3.87 63.88 -22.57
N LEU C 60 -4.42 64.55 -21.57
CA LEU C 60 -5.72 65.18 -21.67
C LEU C 60 -5.54 66.70 -21.65
N GLU C 61 -6.00 67.37 -22.70
CA GLU C 61 -5.98 68.82 -22.85
C GLU C 61 -4.55 69.36 -22.90
N SER C 62 -3.55 68.49 -22.96
CA SER C 62 -2.14 68.89 -23.07
C SER C 62 -1.70 69.78 -21.90
N TRP C 63 -2.27 69.50 -20.72
CA TRP C 63 -2.02 70.30 -19.53
C TRP C 63 -1.77 69.47 -18.28
N SER C 64 -2.17 68.21 -18.25
CA SER C 64 -2.06 67.39 -17.06
C SER C 64 -0.66 66.80 -16.86
N MSE C 65 0.19 66.82 -17.86
CA MSE C 65 1.62 66.68 -17.63
C MSE C 65 2.07 67.90 -16.79
O MSE C 65 2.90 67.82 -15.86
CB MSE C 65 2.33 66.55 -18.97
CG MSE C 65 1.97 67.65 -19.96
SE MSE C 65 2.55 67.28 -21.80
CE MSE C 65 4.43 67.75 -21.66
N GLY C 66 1.44 69.03 -17.13
CA GLY C 66 1.60 70.22 -16.33
C GLY C 66 1.20 70.03 -14.88
N ILE C 67 0.11 69.28 -14.63
CA ILE C 67 -0.22 68.99 -13.24
C ILE C 67 0.64 67.86 -12.66
N ALA C 68 1.26 67.05 -13.51
CA ALA C 68 2.22 66.06 -13.02
C ALA C 68 3.49 66.72 -12.47
N ARG C 69 3.79 67.94 -12.88
CA ARG C 69 5.02 68.59 -12.41
C ARG C 69 5.01 69.08 -10.94
N PRO C 70 3.94 69.72 -10.45
CA PRO C 70 3.96 70.19 -9.05
C PRO C 70 4.12 69.06 -8.04
N VAL C 71 3.90 67.81 -8.41
CA VAL C 71 4.31 66.70 -7.55
C VAL C 71 5.75 66.29 -7.84
N ILE C 72 6.29 66.63 -9.03
CA ILE C 72 7.72 66.49 -9.27
C ILE C 72 8.50 67.41 -8.34
N GLU C 73 7.83 68.40 -7.74
CA GLU C 73 8.46 69.09 -6.61
C GLU C 73 8.77 68.19 -5.42
N ALA C 74 8.45 66.90 -5.51
CA ALA C 74 8.77 65.92 -4.46
C ALA C 74 9.48 64.71 -5.07
N TYR C 75 10.51 64.98 -5.88
CA TYR C 75 11.16 63.95 -6.67
C TYR C 75 11.63 62.72 -5.90
N PRO C 76 12.27 62.83 -4.72
CA PRO C 76 12.69 61.61 -4.02
C PRO C 76 11.55 60.71 -3.58
N TRP C 77 10.31 61.21 -3.59
CA TRP C 77 9.19 60.43 -3.07
C TRP C 77 7.95 60.53 -3.96
N ALA C 78 8.02 61.20 -5.12
CA ALA C 78 6.85 61.39 -5.97
C ALA C 78 7.22 61.27 -7.45
N TRP C 79 8.18 60.41 -7.79
CA TRP C 79 8.50 60.12 -9.19
C TRP C 79 7.83 58.85 -9.68
N ILE C 80 7.40 58.00 -8.75
CA ILE C 80 6.57 56.85 -9.07
C ILE C 80 5.32 57.28 -9.82
N TYR C 81 4.95 58.56 -9.75
CA TYR C 81 3.84 59.05 -10.57
C TYR C 81 4.23 59.15 -12.04
N PHE C 82 5.44 59.61 -12.33
CA PHE C 82 5.95 59.53 -13.70
C PHE C 82 5.89 58.07 -14.17
N VAL C 83 6.43 57.16 -13.35
CA VAL C 83 6.39 55.74 -13.66
C VAL C 83 4.96 55.29 -13.96
N SER C 84 4.01 55.72 -13.13
CA SER C 84 2.65 55.20 -13.14
C SER C 84 1.83 55.74 -14.30
N PHE C 85 2.02 57.03 -14.62
CA PHE C 85 1.37 57.59 -15.80
C PHE C 85 1.86 56.87 -17.05
N ILE C 86 3.17 56.58 -17.09
CA ILE C 86 3.70 55.76 -18.19
C ILE C 86 3.01 54.40 -18.23
N LEU C 87 2.86 53.76 -17.06
CA LEU C 87 2.18 52.47 -16.98
C LEU C 87 0.80 52.53 -17.63
N VAL C 88 -0.02 53.48 -17.19
CA VAL C 88 -1.42 53.49 -17.63
C VAL C 88 -1.52 53.81 -19.12
N SER C 89 -0.80 54.84 -19.58
CA SER C 89 -0.80 55.14 -21.00
C SER C 89 -0.36 53.93 -21.82
N SER C 90 0.69 53.25 -21.35
CA SER C 90 1.24 52.10 -22.06
C SER C 90 0.18 51.02 -22.24
N PHE C 91 -0.39 50.53 -21.13
CA PHE C 91 -1.28 49.38 -21.31
C PHE C 91 -2.56 49.76 -22.04
N THR C 92 -3.08 50.98 -21.81
CA THR C 92 -4.27 51.40 -22.55
C THR C 92 -4.01 51.36 -24.05
N VAL C 93 -2.99 52.09 -24.51
CA VAL C 93 -2.67 52.13 -25.94
C VAL C 93 -2.48 50.73 -26.48
N LEU C 94 -1.53 49.98 -25.90
CA LEU C 94 -1.18 48.65 -26.38
C LEU C 94 -2.42 47.79 -26.54
N ASN C 95 -3.09 47.51 -25.41
CA ASN C 95 -4.23 46.60 -25.42
C ASN C 95 -5.27 47.07 -26.43
N LEU C 96 -5.85 48.24 -26.19
CA LEU C 96 -7.00 48.66 -26.99
C LEU C 96 -6.66 48.66 -28.47
N PHE C 97 -5.72 49.52 -28.87
CA PHE C 97 -5.47 49.70 -30.31
C PHE C 97 -5.00 48.40 -30.97
N ILE C 98 -3.94 47.79 -30.45
CA ILE C 98 -3.33 46.71 -31.22
C ILE C 98 -4.24 45.46 -31.20
N GLY C 99 -4.84 45.15 -30.05
CA GLY C 99 -5.76 44.03 -30.01
C GLY C 99 -6.94 44.21 -30.96
N ILE C 100 -7.49 45.43 -31.04
CA ILE C 100 -8.60 45.64 -31.97
C ILE C 100 -8.12 45.51 -33.42
N ILE C 101 -6.89 45.93 -33.71
CA ILE C 101 -6.33 45.73 -35.05
C ILE C 101 -6.36 44.25 -35.42
N ILE C 102 -5.80 43.41 -34.55
CA ILE C 102 -5.74 41.98 -34.86
C ILE C 102 -7.13 41.36 -34.97
N GLU C 103 -8.05 41.76 -34.08
CA GLU C 103 -9.43 41.28 -34.17
C GLU C 103 -10.04 41.61 -35.53
N SER C 104 -9.91 42.87 -35.95
CA SER C 104 -10.49 43.32 -37.20
C SER C 104 -9.93 42.53 -38.38
N MSE C 105 -8.62 42.29 -38.40
CA MSE C 105 -8.07 41.59 -39.56
C MSE C 105 -8.34 40.07 -39.54
O MSE C 105 -8.38 39.45 -40.60
CB MSE C 105 -6.58 41.86 -39.70
CG MSE C 105 -6.31 43.30 -40.16
SE MSE C 105 -4.46 43.69 -40.62
CE MSE C 105 -4.39 42.76 -42.33
N GLN C 106 -8.56 39.50 -38.35
CA GLN C 106 -9.06 38.12 -38.29
C GLN C 106 -10.43 38.01 -38.95
N SER C 107 -11.37 38.85 -38.51
CA SER C 107 -12.70 38.88 -39.13
C SER C 107 -12.59 39.17 -40.63
N ALA C 108 -11.64 40.03 -41.00
CA ALA C 108 -11.42 40.36 -42.40
C ALA C 108 -11.03 39.13 -43.19
N HIS C 109 -10.04 38.37 -42.71
CA HIS C 109 -9.63 37.16 -43.40
C HIS C 109 -10.83 36.27 -43.68
N HIS C 110 -11.58 35.92 -42.62
CA HIS C 110 -12.77 35.09 -42.84
C HIS C 110 -13.74 35.65 -43.89
N ALA C 111 -14.30 36.84 -43.64
CA ALA C 111 -15.38 37.33 -44.49
C ALA C 111 -14.90 37.57 -45.92
N GLU C 112 -13.74 38.20 -46.06
CA GLU C 112 -13.16 38.50 -47.37
C GLU C 112 -12.99 37.24 -48.19
N ASP C 113 -12.30 36.22 -47.65
CA ASP C 113 -12.04 35.05 -48.47
C ASP C 113 -13.32 34.26 -48.73
N GLY C 114 -14.30 34.30 -47.81
CA GLY C 114 -15.56 33.64 -48.08
C GLY C 114 -16.31 34.26 -49.24
N GLU C 115 -16.39 35.59 -49.28
CA GLU C 115 -17.08 36.24 -50.39
C GLU C 115 -16.31 36.03 -51.71
N ARG C 116 -14.99 35.94 -51.64
CA ARG C 116 -14.22 35.60 -52.83
C ARG C 116 -14.59 34.20 -53.33
N THR C 117 -14.74 33.24 -52.42
CA THR C 117 -15.19 31.92 -52.83
C THR C 117 -16.62 31.92 -53.36
N ASP C 118 -17.44 32.88 -52.95
CA ASP C 118 -18.77 32.97 -53.57
C ASP C 118 -18.65 33.44 -55.02
N ALA C 119 -17.74 34.39 -55.29
CA ALA C 119 -17.41 34.70 -56.68
C ALA C 119 -16.90 33.47 -57.41
N TYR C 120 -16.19 32.59 -56.71
CA TYR C 120 -15.83 31.31 -57.31
C TYR C 120 -17.06 30.48 -57.68
N ARG C 121 -18.09 30.47 -56.81
CA ARG C 121 -19.35 29.79 -57.14
C ARG C 121 -19.88 30.33 -58.46
N ASP C 122 -19.84 31.66 -58.62
CA ASP C 122 -20.13 32.29 -59.91
C ASP C 122 -19.40 31.61 -61.07
N GLU C 123 -18.07 31.58 -60.99
CA GLU C 123 -17.27 30.87 -62.01
C GLU C 123 -17.84 29.49 -62.35
N VAL C 124 -18.06 28.69 -61.29
CA VAL C 124 -18.54 27.32 -61.44
C VAL C 124 -19.82 27.28 -62.27
N LEU C 125 -20.85 27.99 -61.81
CA LEU C 125 -22.15 27.92 -62.48
C LEU C 125 -22.08 28.48 -63.89
N ALA C 126 -21.27 29.52 -64.12
CA ALA C 126 -21.16 30.07 -65.46
C ALA C 126 -20.62 29.03 -66.44
N ARG C 127 -19.49 28.40 -66.10
CA ARG C 127 -18.93 27.38 -66.99
C ARG C 127 -19.92 26.25 -67.23
N LEU C 128 -20.48 25.71 -66.14
CA LEU C 128 -21.31 24.52 -66.29
C LEU C 128 -22.60 24.82 -67.03
N GLU C 129 -23.14 26.03 -66.91
CA GLU C 129 -24.26 26.42 -67.74
C GLU C 129 -23.88 26.50 -69.21
N GLN C 130 -22.70 27.07 -69.50
CA GLN C 130 -22.27 27.08 -70.90
C GLN C 130 -22.18 25.67 -71.47
N ILE C 131 -21.87 24.68 -70.63
CA ILE C 131 -21.86 23.31 -71.13
C ILE C 131 -23.24 22.64 -71.08
N ASP C 132 -24.06 22.94 -70.08
CA ASP C 132 -25.34 22.24 -69.94
C ASP C 132 -26.42 22.85 -70.84
N GLN C 133 -26.43 24.17 -70.99
CA GLN C 133 -27.49 24.85 -71.72
C GLN C 133 -27.52 24.49 -73.20
N ARG C 134 -26.47 23.86 -73.73
CA ARG C 134 -26.41 23.51 -75.14
C ARG C 134 -26.38 22.00 -75.34
N LEU D 8 -18.58 19.41 -32.66
CA LEU D 8 -19.12 20.73 -32.36
C LEU D 8 -19.62 20.78 -30.92
N ARG D 9 -19.36 19.71 -30.18
CA ARG D 9 -19.78 19.57 -28.79
C ARG D 9 -18.80 20.36 -27.93
N ALA D 10 -19.11 21.64 -27.71
CA ALA D 10 -18.26 22.51 -26.90
C ALA D 10 -18.97 23.03 -25.64
N ILE D 11 -20.09 22.42 -25.29
CA ILE D 11 -20.85 22.77 -24.08
C ILE D 11 -20.14 22.35 -22.79
N PRO D 12 -19.49 21.15 -22.71
CA PRO D 12 -19.08 20.64 -21.39
C PRO D 12 -18.08 21.50 -20.62
N GLY D 13 -17.72 22.66 -21.15
CA GLY D 13 -16.93 23.59 -20.36
C GLY D 13 -17.73 24.34 -19.32
N ILE D 14 -18.88 23.80 -18.92
CA ILE D 14 -19.80 24.48 -18.02
C ILE D 14 -19.49 24.19 -16.55
N ALA D 15 -19.55 22.91 -16.13
CA ALA D 15 -19.29 22.60 -14.73
C ALA D 15 -17.90 23.02 -14.29
N TRP D 16 -16.96 23.11 -15.24
CA TRP D 16 -15.61 23.59 -14.96
C TRP D 16 -15.62 24.94 -14.27
N ILE D 17 -16.50 25.84 -14.70
CA ILE D 17 -16.55 27.15 -14.06
C ILE D 17 -17.04 27.03 -12.62
N ALA D 18 -18.01 26.14 -12.37
CA ALA D 18 -18.56 26.01 -11.03
C ALA D 18 -17.53 25.41 -10.06
N LEU D 19 -16.69 24.52 -10.55
CA LEU D 19 -15.68 23.96 -9.65
C LEU D 19 -14.53 24.95 -9.45
N LEU D 20 -14.23 25.76 -10.46
CA LEU D 20 -13.38 26.91 -10.22
C LEU D 20 -14.02 27.87 -9.22
N LEU D 21 -15.36 27.92 -9.17
CA LEU D 21 -16.03 28.73 -8.16
C LEU D 21 -15.79 28.16 -6.77
N LEU D 22 -15.81 26.83 -6.66
CA LEU D 22 -15.38 26.19 -5.42
C LEU D 22 -14.00 26.71 -4.99
N VAL D 23 -13.07 26.74 -5.95
CA VAL D 23 -11.73 27.25 -5.66
C VAL D 23 -11.81 28.69 -5.11
N ILE D 24 -12.55 29.55 -5.82
CA ILE D 24 -12.70 30.95 -5.44
C ILE D 24 -13.20 31.06 -4.00
N PHE D 25 -14.33 30.41 -3.73
CA PHE D 25 -14.97 30.52 -2.43
C PHE D 25 -14.04 29.99 -1.34
N TYR D 26 -13.49 28.80 -1.51
CA TYR D 26 -12.50 28.32 -0.53
C TYR D 26 -11.45 29.38 -0.21
N VAL D 27 -10.66 29.76 -1.22
CA VAL D 27 -9.52 30.63 -0.94
C VAL D 27 -9.97 31.90 -0.23
N PHE D 28 -10.90 32.62 -0.85
CA PHE D 28 -11.11 33.98 -0.43
C PHE D 28 -12.08 34.06 0.74
N ALA D 29 -12.96 33.07 0.91
CA ALA D 29 -13.72 32.95 2.14
C ALA D 29 -12.83 32.59 3.33
N VAL D 30 -11.77 31.82 3.12
CA VAL D 30 -10.87 31.54 4.24
C VAL D 30 -10.11 32.81 4.66
N MSE D 31 -9.57 33.54 3.70
CA MSE D 31 -8.89 34.78 4.08
C MSE D 31 -9.85 35.77 4.76
O MSE D 31 -9.59 36.33 5.85
CB MSE D 31 -8.22 35.47 2.90
CG MSE D 31 -7.53 36.76 3.31
SE MSE D 31 -6.40 37.58 1.95
CE MSE D 31 -5.94 39.22 2.91
N GLY D 32 -11.00 35.98 4.10
CA GLY D 32 -12.00 36.87 4.65
C GLY D 32 -12.54 36.42 5.98
N THR D 33 -12.57 35.10 6.23
CA THR D 33 -13.09 34.63 7.49
C THR D 33 -12.08 34.80 8.61
N LYS D 34 -10.78 34.74 8.31
CA LYS D 34 -9.81 35.17 9.31
C LYS D 34 -10.05 36.64 9.67
N LEU D 35 -10.07 37.52 8.66
CA LEU D 35 -10.16 38.94 8.95
C LEU D 35 -11.54 39.35 9.48
N PHE D 36 -12.55 38.50 9.30
CA PHE D 36 -13.90 38.73 9.79
C PHE D 36 -14.18 38.05 11.13
N ALA D 37 -13.40 37.03 11.47
CA ALA D 37 -13.42 36.45 12.80
C ALA D 37 -12.60 37.26 13.79
N GLN D 38 -11.64 38.05 13.29
CA GLN D 38 -10.75 38.78 14.19
C GLN D 38 -11.52 39.75 15.08
N SER D 39 -12.31 40.66 14.48
CA SER D 39 -12.95 41.71 15.29
C SER D 39 -14.43 41.90 15.00
N PHE D 40 -14.88 41.56 13.81
CA PHE D 40 -16.22 41.94 13.38
C PHE D 40 -17.28 41.18 14.17
N PRO D 41 -18.23 41.87 14.82
CA PRO D 41 -19.13 41.22 15.77
C PRO D 41 -20.39 40.60 15.17
N GLU D 42 -20.63 40.76 13.86
CA GLU D 42 -21.79 40.12 13.24
C GLU D 42 -21.81 38.62 13.52
N TRP D 43 -20.65 37.98 13.48
CA TRP D 43 -20.53 36.59 13.88
C TRP D 43 -19.39 36.39 14.87
N PHE D 44 -18.42 37.30 14.92
CA PHE D 44 -17.20 37.25 15.73
C PHE D 44 -16.40 35.98 15.49
N GLY D 45 -16.68 35.28 14.39
CA GLY D 45 -15.92 34.12 13.97
C GLY D 45 -16.70 33.23 13.04
N THR D 46 -16.07 32.80 11.94
CA THR D 46 -16.72 31.94 10.96
C THR D 46 -15.72 30.92 10.46
N LEU D 47 -15.96 29.64 10.81
CA LEU D 47 -15.17 28.54 10.29
C LEU D 47 -16.01 27.62 9.41
N GLY D 48 -17.14 27.12 9.91
CA GLY D 48 -18.07 26.35 9.12
C GLY D 48 -19.15 27.16 8.45
N ALA D 49 -19.12 28.48 8.62
CA ALA D 49 -20.11 29.37 8.05
C ALA D 49 -19.46 30.51 7.27
N SER D 50 -18.23 30.31 6.79
CA SER D 50 -17.58 31.34 5.98
C SER D 50 -18.13 31.36 4.57
N MSE D 51 -18.13 30.18 3.93
CA MSE D 51 -18.80 29.98 2.65
C MSE D 51 -20.18 30.57 2.77
O MSE D 51 -20.67 31.30 1.91
CB MSE D 51 -18.93 28.49 2.29
CG MSE D 51 -17.69 27.61 2.33
SE MSE D 51 -16.22 28.06 1.12
CE MSE D 51 -14.88 28.49 2.48
N TYR D 52 -20.80 30.26 3.92
CA TYR D 52 -22.21 30.54 4.13
C TYR D 52 -22.46 32.03 4.26
N THR D 53 -21.59 32.75 4.99
CA THR D 53 -21.76 34.19 5.12
C THR D 53 -21.51 34.92 3.81
N LEU D 54 -20.46 34.53 3.07
CA LEU D 54 -20.27 35.16 1.77
C LEU D 54 -21.45 34.88 0.84
N PHE D 55 -22.02 33.68 0.94
CA PHE D 55 -23.12 33.31 0.06
C PHE D 55 -24.39 34.07 0.44
N GLN D 56 -24.58 34.31 1.75
CA GLN D 56 -25.58 35.24 2.23
C GLN D 56 -25.40 36.60 1.57
N VAL D 57 -24.22 37.18 1.74
CA VAL D 57 -23.93 38.52 1.22
C VAL D 57 -24.16 38.59 -0.28
N MSE D 58 -24.02 37.46 -0.97
CA MSE D 58 -24.30 37.45 -2.40
C MSE D 58 -25.81 37.55 -2.63
O MSE D 58 -26.47 36.56 -2.92
CB MSE D 58 -23.73 36.18 -3.04
CG MSE D 58 -23.84 36.15 -4.55
SE MSE D 58 -22.89 34.64 -5.33
CE MSE D 58 -21.07 35.36 -5.23
N THR D 59 -26.31 38.79 -2.50
CA THR D 59 -27.72 39.16 -2.71
C THR D 59 -28.69 38.09 -2.20
N LEU D 60 -28.49 37.67 -0.96
CA LEU D 60 -29.38 36.73 -0.31
C LEU D 60 -29.64 37.17 1.13
N GLU D 61 -30.82 36.83 1.62
CA GLU D 61 -31.27 37.14 2.99
C GLU D 61 -31.21 38.63 3.30
N SER D 62 -31.19 39.48 2.26
CA SER D 62 -31.18 40.94 2.41
C SER D 62 -30.04 41.38 3.32
N TRP D 63 -28.84 40.88 3.05
CA TRP D 63 -27.75 40.94 4.02
C TRP D 63 -26.52 41.70 3.49
N SER D 64 -26.68 42.44 2.39
CA SER D 64 -25.59 43.23 1.83
C SER D 64 -25.10 44.30 2.81
N MSE D 65 -25.98 45.22 3.18
CA MSE D 65 -25.60 46.26 4.13
C MSE D 65 -25.37 45.58 5.49
O MSE D 65 -24.65 46.10 6.37
CB MSE D 65 -26.68 47.33 4.21
CG MSE D 65 -26.23 48.61 4.90
SE MSE D 65 -24.87 49.55 3.88
CE MSE D 65 -25.98 50.24 2.42
N GLY D 66 -25.98 44.41 5.65
CA GLY D 66 -25.71 43.57 6.81
C GLY D 66 -24.24 43.29 6.99
N ILE D 67 -23.55 42.90 5.92
CA ILE D 67 -22.10 42.75 6.02
C ILE D 67 -21.42 44.11 6.00
N ALA D 68 -22.04 45.11 5.40
CA ALA D 68 -21.42 46.43 5.35
C ALA D 68 -21.36 47.12 6.72
N ARG D 69 -22.05 46.59 7.72
CA ARG D 69 -21.96 47.19 9.06
C ARG D 69 -20.70 46.77 9.84
N PRO D 70 -20.35 45.47 9.91
CA PRO D 70 -19.10 45.11 10.58
C PRO D 70 -17.87 45.78 9.99
N VAL D 71 -17.93 46.18 8.72
CA VAL D 71 -16.86 46.99 8.16
C VAL D 71 -17.05 48.46 8.50
N ILE D 72 -18.22 48.86 9.00
CA ILE D 72 -18.30 50.13 9.71
C ILE D 72 -17.50 50.03 11.00
N GLU D 73 -17.46 48.86 11.63
CA GLU D 73 -16.59 48.75 12.80
C GLU D 73 -15.11 48.65 12.46
N ALA D 74 -14.74 48.47 11.19
CA ALA D 74 -13.35 48.67 10.78
C ALA D 74 -13.37 49.16 9.33
N TYR D 75 -13.47 50.47 9.17
CA TYR D 75 -13.54 51.12 7.87
C TYR D 75 -12.16 51.38 7.25
N PRO D 76 -11.18 51.94 7.98
CA PRO D 76 -9.92 52.33 7.31
C PRO D 76 -9.14 51.18 6.70
N TRP D 77 -9.37 49.93 7.10
CA TRP D 77 -8.61 48.82 6.55
C TRP D 77 -9.46 47.58 6.30
N ALA D 78 -10.76 47.75 6.00
CA ALA D 78 -11.60 46.61 5.64
C ALA D 78 -12.75 47.12 4.76
N TRP D 79 -12.55 47.04 3.44
CA TRP D 79 -13.59 47.34 2.45
C TRP D 79 -13.60 46.35 1.29
N ILE D 80 -12.52 45.60 1.10
CA ILE D 80 -12.34 44.74 -0.06
C ILE D 80 -13.09 43.44 0.20
N TYR D 81 -13.95 43.44 1.23
CA TYR D 81 -14.80 42.30 1.54
C TYR D 81 -16.16 42.43 0.84
N PHE D 82 -16.79 43.59 0.95
CA PHE D 82 -17.86 43.88 0.00
C PHE D 82 -17.28 43.93 -1.41
N VAL D 83 -16.05 44.44 -1.54
CA VAL D 83 -15.39 44.27 -2.83
C VAL D 83 -15.08 42.80 -3.12
N SER D 84 -15.09 41.91 -2.12
CA SER D 84 -14.99 40.48 -2.38
C SER D 84 -16.18 39.97 -3.15
N PHE D 85 -17.39 40.35 -2.69
CA PHE D 85 -18.57 40.14 -3.51
C PHE D 85 -18.29 40.60 -4.95
N ILE D 86 -17.82 41.84 -5.09
CA ILE D 86 -17.58 42.40 -6.43
C ILE D 86 -16.61 41.54 -7.23
N LEU D 87 -15.50 41.13 -6.60
CA LEU D 87 -14.44 40.40 -7.29
C LEU D 87 -14.92 39.05 -7.79
N VAL D 88 -15.57 38.29 -6.91
CA VAL D 88 -16.11 37.00 -7.31
C VAL D 88 -17.05 37.17 -8.49
N SER D 89 -18.01 38.08 -8.37
CA SER D 89 -18.98 38.29 -9.44
C SER D 89 -18.29 38.59 -10.76
N SER D 90 -17.34 39.52 -10.76
CA SER D 90 -16.67 39.93 -11.98
C SER D 90 -15.93 38.76 -12.63
N PHE D 91 -15.06 38.10 -11.86
CA PHE D 91 -14.26 37.00 -12.37
C PHE D 91 -15.14 35.94 -13.05
N THR D 92 -16.17 35.49 -12.33
CA THR D 92 -17.10 34.50 -12.87
C THR D 92 -17.69 35.00 -14.17
N VAL D 93 -18.50 36.06 -14.08
CA VAL D 93 -19.25 36.57 -15.23
C VAL D 93 -18.36 36.67 -16.45
N LEU D 94 -17.15 37.21 -16.28
CA LEU D 94 -16.23 37.36 -17.40
C LEU D 94 -15.99 36.03 -18.11
N ASN D 95 -15.38 35.07 -17.41
CA ASN D 95 -15.00 33.85 -18.13
C ASN D 95 -16.22 33.10 -18.67
N LEU D 96 -17.27 32.97 -17.84
CA LEU D 96 -18.47 32.25 -18.25
C LEU D 96 -19.09 32.85 -19.51
N PHE D 97 -19.44 34.13 -19.44
CA PHE D 97 -20.09 34.85 -20.53
C PHE D 97 -19.29 34.74 -21.82
N ILE D 98 -17.96 34.91 -21.75
CA ILE D 98 -17.19 34.90 -22.99
C ILE D 98 -17.17 33.51 -23.61
N GLY D 99 -17.03 32.46 -22.79
CA GLY D 99 -17.12 31.11 -23.33
C GLY D 99 -18.44 30.85 -24.05
N ILE D 100 -19.55 31.30 -23.44
CA ILE D 100 -20.87 31.14 -24.06
C ILE D 100 -20.88 31.78 -25.45
N ILE D 101 -20.35 33.01 -25.54
CA ILE D 101 -20.33 33.74 -26.81
C ILE D 101 -19.61 32.92 -27.88
N ILE D 102 -18.39 32.47 -27.58
CA ILE D 102 -17.60 31.77 -28.59
C ILE D 102 -18.32 30.51 -29.07
N GLU D 103 -18.93 29.77 -28.15
CA GLU D 103 -19.61 28.53 -28.55
C GLU D 103 -20.75 28.81 -29.53
N SER D 104 -21.61 29.78 -29.17
CA SER D 104 -22.73 30.12 -30.05
C SER D 104 -22.24 30.50 -31.45
N MSE D 105 -21.16 31.30 -31.53
CA MSE D 105 -20.76 31.79 -32.83
C MSE D 105 -20.04 30.73 -33.70
O MSE D 105 -20.20 30.74 -34.96
CB MSE D 105 -19.92 33.06 -32.68
CG MSE D 105 -20.75 34.21 -32.13
SE MSE D 105 -19.89 35.96 -32.04
CE MSE D 105 -20.02 36.47 -33.92
N GLN D 106 -19.30 29.81 -33.09
CA GLN D 106 -18.86 28.68 -33.89
C GLN D 106 -20.03 27.94 -34.50
N SER D 107 -21.08 27.66 -33.70
CA SER D 107 -22.21 26.92 -34.28
C SER D 107 -22.78 27.64 -35.50
N ALA D 108 -23.00 28.96 -35.37
CA ALA D 108 -23.58 29.72 -36.47
C ALA D 108 -22.74 29.63 -37.75
N HIS D 109 -21.43 29.90 -37.63
CA HIS D 109 -20.59 29.97 -38.83
C HIS D 109 -20.55 28.63 -39.55
N HIS D 110 -20.29 27.55 -38.80
CA HIS D 110 -20.27 26.23 -39.44
C HIS D 110 -21.60 25.92 -40.13
N ALA D 111 -22.73 26.19 -39.47
CA ALA D 111 -24.02 25.89 -40.07
C ALA D 111 -24.15 26.52 -41.45
N GLU D 112 -24.01 27.84 -41.53
CA GLU D 112 -24.30 28.50 -42.80
C GLU D 112 -23.29 28.12 -43.89
N ASP D 113 -22.00 28.07 -43.53
CA ASP D 113 -21.01 27.80 -44.57
C ASP D 113 -21.14 26.38 -45.10
N GLY D 114 -21.49 25.43 -44.22
CA GLY D 114 -21.70 24.06 -44.65
C GLY D 114 -22.89 23.93 -45.59
N GLU D 115 -23.96 24.69 -45.33
CA GLU D 115 -25.09 24.64 -46.27
C GLU D 115 -24.68 25.15 -47.65
N ARG D 116 -23.90 26.23 -47.70
CA ARG D 116 -23.42 26.68 -49.02
C ARG D 116 -22.60 25.59 -49.71
N THR D 117 -21.70 24.94 -48.98
CA THR D 117 -20.88 23.91 -49.62
C THR D 117 -21.70 22.68 -50.06
N ASP D 118 -22.81 22.37 -49.39
CA ASP D 118 -23.56 21.22 -49.88
C ASP D 118 -24.40 21.59 -51.10
N ALA D 119 -24.77 22.87 -51.26
CA ALA D 119 -25.24 23.31 -52.57
C ALA D 119 -24.16 23.06 -53.64
N TYR D 120 -22.89 23.28 -53.28
CA TYR D 120 -21.84 22.94 -54.23
C TYR D 120 -21.79 21.44 -54.52
N ARG D 121 -22.21 20.62 -53.55
CA ARG D 121 -22.38 19.18 -53.84
C ARG D 121 -23.52 18.95 -54.83
N ASP D 122 -24.58 19.75 -54.75
CA ASP D 122 -25.59 19.70 -55.82
C ASP D 122 -24.93 19.94 -57.17
N GLU D 123 -23.91 20.81 -57.20
CA GLU D 123 -23.17 20.99 -58.45
C GLU D 123 -22.41 19.71 -58.85
N VAL D 124 -21.89 18.98 -57.86
CA VAL D 124 -21.41 17.61 -58.12
C VAL D 124 -22.44 16.81 -58.93
N LEU D 125 -23.68 16.80 -58.43
CA LEU D 125 -24.75 16.10 -59.12
C LEU D 125 -24.85 16.55 -60.57
N ALA D 126 -24.88 17.87 -60.78
CA ALA D 126 -24.94 18.43 -62.12
C ALA D 126 -23.84 17.85 -63.01
N ARG D 127 -22.61 17.80 -62.50
CA ARG D 127 -21.48 17.40 -63.34
C ARG D 127 -21.57 15.93 -63.74
N LEU D 128 -21.80 15.04 -62.77
CA LEU D 128 -21.80 13.64 -63.18
C LEU D 128 -23.08 13.26 -63.91
N GLU D 129 -24.11 14.14 -63.91
CA GLU D 129 -25.20 13.92 -64.85
C GLU D 129 -24.78 14.37 -66.24
N GLN D 130 -24.03 15.48 -66.32
CA GLN D 130 -23.62 16.00 -67.62
C GLN D 130 -22.80 14.97 -68.40
N ILE D 131 -21.69 14.51 -67.83
CA ILE D 131 -20.72 13.80 -68.66
C ILE D 131 -21.02 12.31 -68.77
N ASP D 132 -21.19 11.60 -67.65
CA ASP D 132 -21.28 10.15 -67.75
C ASP D 132 -22.65 9.69 -68.24
N GLN D 133 -23.71 10.36 -67.83
CA GLN D 133 -25.07 9.85 -68.01
C GLN D 133 -25.66 10.19 -69.37
N ARG D 134 -25.02 11.04 -70.17
CA ARG D 134 -25.55 11.52 -71.44
C ARG D 134 -24.50 11.42 -72.53
N LEU D 135 -23.85 10.26 -72.64
CA LEU D 135 -22.75 10.10 -73.59
C LEU D 135 -23.22 9.67 -74.98
N ASN D 136 -24.37 8.98 -75.06
CA ASN D 136 -25.00 8.56 -76.31
C ASN D 136 -24.14 7.63 -77.14
N ALA D 137 -23.06 7.09 -76.60
CA ALA D 137 -22.27 6.08 -77.29
C ALA D 137 -21.78 4.99 -76.35
N LEU D 138 -22.19 5.02 -75.08
CA LEU D 138 -21.79 4.01 -74.11
C LEU D 138 -22.85 3.87 -73.01
N LEU E 8 21.43 -36.95 27.74
CA LEU E 8 21.71 -38.15 28.53
C LEU E 8 20.51 -38.67 29.33
N ARG E 9 19.78 -37.76 29.98
CA ARG E 9 18.57 -38.16 30.74
C ARG E 9 17.50 -37.09 30.51
N ALA E 10 17.21 -36.78 29.24
CA ALA E 10 16.22 -35.76 28.96
C ALA E 10 14.81 -36.32 29.16
N ILE E 11 14.50 -36.62 30.42
CA ILE E 11 13.28 -37.34 30.81
C ILE E 11 12.04 -36.45 30.85
N PRO E 12 12.07 -35.25 31.46
CA PRO E 12 10.81 -34.50 31.67
C PRO E 12 10.03 -34.16 30.40
N GLY E 13 10.63 -34.31 29.21
CA GLY E 13 9.89 -34.07 27.98
C GLY E 13 8.65 -34.93 27.87
N ILE E 14 8.72 -36.17 28.37
CA ILE E 14 7.55 -37.05 28.33
C ILE E 14 6.42 -36.47 29.16
N ALA E 15 6.73 -35.87 30.31
CA ALA E 15 5.70 -35.21 31.10
C ALA E 15 5.17 -33.97 30.39
N TRP E 16 6.04 -33.26 29.68
CA TRP E 16 5.59 -32.17 28.80
C TRP E 16 4.50 -32.65 27.85
N ILE E 17 4.77 -33.75 27.14
CA ILE E 17 3.78 -34.30 26.22
C ILE E 17 2.53 -34.74 26.96
N ALA E 18 2.67 -35.29 28.16
CA ALA E 18 1.50 -35.78 28.89
C ALA E 18 0.57 -34.64 29.29
N LEU E 19 1.13 -33.52 29.74
CA LEU E 19 0.28 -32.37 30.09
C LEU E 19 -0.37 -31.79 28.83
N LEU E 20 0.38 -31.76 27.72
CA LEU E 20 -0.24 -31.36 26.46
C LEU E 20 -1.39 -32.31 26.09
N LEU E 21 -1.26 -33.58 26.45
CA LEU E 21 -2.35 -34.55 26.25
C LEU E 21 -3.57 -34.19 27.08
N LEU E 22 -3.36 -33.77 28.33
CA LEU E 22 -4.48 -33.26 29.12
C LEU E 22 -5.19 -32.13 28.40
N VAL E 23 -4.42 -31.25 27.76
CA VAL E 23 -5.02 -30.17 26.98
C VAL E 23 -5.86 -30.72 25.83
N ILE E 24 -5.34 -31.74 25.13
CA ILE E 24 -6.14 -32.41 24.09
C ILE E 24 -7.46 -32.92 24.67
N PHE E 25 -7.40 -33.51 25.87
CA PHE E 25 -8.62 -34.03 26.49
C PHE E 25 -9.64 -32.93 26.66
N TYR E 26 -9.20 -31.77 27.17
CA TYR E 26 -10.11 -30.63 27.31
C TYR E 26 -10.73 -30.22 25.97
N VAL E 27 -9.89 -30.14 24.93
CA VAL E 27 -10.39 -29.68 23.63
C VAL E 27 -11.47 -30.61 23.11
N PHE E 28 -11.21 -31.91 23.12
CA PHE E 28 -12.22 -32.79 22.57
C PHE E 28 -13.44 -32.85 23.48
N ALA E 29 -13.23 -32.64 24.79
CA ALA E 29 -14.35 -32.56 25.71
C ALA E 29 -15.30 -31.45 25.30
N VAL E 30 -14.77 -30.27 24.99
CA VAL E 30 -15.68 -29.18 24.64
C VAL E 30 -16.33 -29.43 23.27
N MSE E 31 -15.63 -30.08 22.35
CA MSE E 31 -16.29 -30.39 21.07
C MSE E 31 -17.48 -31.35 21.28
O MSE E 31 -18.58 -31.17 20.72
CB MSE E 31 -15.31 -30.98 20.06
CG MSE E 31 -15.94 -31.23 18.70
SE MSE E 31 -16.51 -29.56 17.86
CE MSE E 31 -17.32 -30.27 16.23
N GLY E 32 -17.23 -32.39 22.09
CA GLY E 32 -18.31 -33.26 22.50
C GLY E 32 -19.45 -32.51 23.15
N THR E 33 -19.11 -31.61 24.08
CA THR E 33 -20.12 -30.74 24.68
C THR E 33 -20.98 -30.06 23.64
N LYS E 34 -20.37 -29.61 22.53
CA LYS E 34 -21.19 -29.07 21.45
C LYS E 34 -22.14 -30.12 20.89
N LEU E 35 -21.60 -31.23 20.38
CA LEU E 35 -22.48 -32.21 19.74
C LEU E 35 -23.11 -33.14 20.77
N PHE E 36 -22.28 -33.75 21.61
CA PHE E 36 -22.65 -34.81 22.53
C PHE E 36 -22.99 -34.24 23.92
N ALA E 37 -23.99 -33.34 23.91
CA ALA E 37 -24.63 -32.88 25.15
C ALA E 37 -26.14 -33.08 25.15
N GLN E 38 -26.80 -32.63 24.08
CA GLN E 38 -28.26 -32.54 24.05
C GLN E 38 -28.90 -33.24 22.85
N SER E 39 -28.12 -33.64 21.83
CA SER E 39 -28.66 -34.35 20.68
C SER E 39 -29.55 -35.52 21.10
N PHE E 40 -29.33 -36.03 22.30
CA PHE E 40 -30.06 -37.11 22.97
C PHE E 40 -30.65 -36.66 24.29
N PRO E 41 -31.36 -37.52 25.00
CA PRO E 41 -31.44 -37.42 26.47
C PRO E 41 -30.35 -38.20 27.21
N GLU E 42 -29.36 -38.73 26.49
CA GLU E 42 -28.41 -39.68 27.05
C GLU E 42 -27.44 -39.04 28.04
N TRP E 43 -27.25 -37.74 28.00
CA TRP E 43 -26.48 -37.03 29.02
C TRP E 43 -27.03 -35.64 29.31
N PHE E 44 -27.87 -35.08 28.43
CA PHE E 44 -28.89 -34.08 28.72
C PHE E 44 -28.31 -32.74 29.12
N GLY E 45 -27.00 -32.71 29.34
CA GLY E 45 -26.29 -31.49 29.60
C GLY E 45 -24.86 -31.89 29.86
N THR E 46 -23.93 -31.25 29.15
CA THR E 46 -22.53 -31.65 29.23
C THR E 46 -21.65 -30.41 29.18
N LEU E 47 -22.19 -29.28 29.65
CA LEU E 47 -21.51 -28.00 29.52
C LEU E 47 -20.40 -27.92 30.56
N GLY E 48 -19.42 -28.80 30.39
CA GLY E 48 -18.27 -28.84 31.27
C GLY E 48 -18.05 -30.15 31.99
N ALA E 49 -18.68 -31.22 31.52
CA ALA E 49 -18.51 -32.55 32.11
C ALA E 49 -18.20 -33.62 31.06
N SER E 50 -17.91 -33.21 29.82
CA SER E 50 -17.40 -34.16 28.85
C SER E 50 -16.11 -34.79 29.31
N MSE E 51 -15.34 -34.09 30.14
CA MSE E 51 -14.14 -34.66 30.74
C MSE E 51 -14.53 -35.90 31.56
O MSE E 51 -13.92 -36.97 31.42
CB MSE E 51 -13.44 -33.64 31.63
CG MSE E 51 -12.21 -34.17 32.32
SE MSE E 51 -11.15 -32.79 33.20
CE MSE E 51 -9.84 -33.94 34.09
N TYR E 52 -15.53 -35.73 32.43
CA TYR E 52 -16.07 -36.85 33.19
C TYR E 52 -16.46 -37.99 32.27
N THR E 53 -17.36 -37.73 31.32
CA THR E 53 -17.87 -38.81 30.50
C THR E 53 -16.79 -39.43 29.61
N LEU E 54 -15.73 -38.70 29.28
CA LEU E 54 -14.69 -39.22 28.39
C LEU E 54 -13.69 -40.08 29.16
N PHE E 55 -13.17 -39.56 30.27
CA PHE E 55 -12.39 -40.40 31.19
C PHE E 55 -13.16 -41.64 31.58
N GLN E 56 -14.49 -41.56 31.66
CA GLN E 56 -15.29 -42.73 31.98
C GLN E 56 -15.45 -43.65 30.77
N VAL E 57 -15.56 -43.08 29.57
CA VAL E 57 -15.80 -43.87 28.37
C VAL E 57 -14.53 -44.50 27.83
N MSE E 58 -13.37 -44.14 28.37
CA MSE E 58 -12.11 -44.59 27.78
C MSE E 58 -11.98 -46.12 27.93
O MSE E 58 -11.13 -46.61 28.67
CB MSE E 58 -10.93 -43.88 28.44
CG MSE E 58 -9.60 -44.06 27.71
SE MSE E 58 -9.59 -43.12 26.00
CE MSE E 58 -9.36 -41.30 26.67
N THR E 59 -12.84 -46.84 27.20
CA THR E 59 -13.00 -48.29 27.20
C THR E 59 -12.87 -48.89 28.60
N LEU E 60 -13.39 -48.20 29.61
CA LEU E 60 -13.39 -48.66 30.99
C LEU E 60 -14.80 -49.01 31.41
N GLU E 61 -14.91 -50.00 32.31
CA GLU E 61 -16.15 -50.41 32.97
C GLU E 61 -17.11 -51.10 32.00
N SER E 62 -16.79 -51.15 30.71
CA SER E 62 -17.51 -51.92 29.69
C SER E 62 -18.96 -51.46 29.49
N TRP E 63 -19.34 -50.31 30.03
CA TRP E 63 -20.71 -49.82 30.01
C TRP E 63 -20.85 -48.43 29.43
N SER E 64 -19.78 -47.64 29.40
CA SER E 64 -19.82 -46.40 28.66
C SER E 64 -19.98 -46.63 27.16
N MSE E 65 -19.95 -47.87 26.70
CA MSE E 65 -20.30 -48.15 25.30
C MSE E 65 -21.84 -48.23 25.23
O MSE E 65 -22.49 -47.89 24.21
CB MSE E 65 -19.62 -49.43 24.83
CG MSE E 65 -18.10 -49.31 24.92
SE MSE E 65 -17.07 -50.88 24.36
CE MSE E 65 -17.17 -50.62 22.43
N GLY E 66 -22.41 -48.66 26.36
CA GLY E 66 -23.83 -48.45 26.58
C GLY E 66 -24.19 -46.98 26.60
N ILE E 67 -23.25 -46.13 27.02
CA ILE E 67 -23.39 -44.70 26.74
C ILE E 67 -23.23 -44.43 25.25
N ALA E 68 -22.32 -45.17 24.60
CA ALA E 68 -21.89 -44.84 23.25
C ALA E 68 -22.99 -44.98 22.21
N ARG E 69 -23.96 -45.87 22.42
CA ARG E 69 -25.03 -45.95 21.42
C ARG E 69 -25.95 -44.74 21.45
N PRO E 70 -26.64 -44.41 22.53
CA PRO E 70 -27.65 -43.34 22.46
C PRO E 70 -27.10 -41.98 22.06
N VAL E 71 -25.77 -41.83 21.98
CA VAL E 71 -25.24 -40.68 21.24
C VAL E 71 -25.15 -41.00 19.76
N ILE E 72 -24.84 -42.26 19.39
CA ILE E 72 -24.76 -42.61 17.98
C ILE E 72 -26.15 -42.70 17.35
N GLU E 73 -27.22 -42.43 18.12
CA GLU E 73 -28.55 -42.40 17.52
C GLU E 73 -28.57 -41.45 16.31
N ALA E 74 -27.77 -40.40 16.34
CA ALA E 74 -27.54 -39.50 15.21
C ALA E 74 -26.22 -39.96 14.59
N TYR E 75 -26.33 -40.92 13.66
CA TYR E 75 -25.16 -41.65 13.20
C TYR E 75 -24.08 -40.75 12.58
N PRO E 76 -24.40 -39.80 11.70
CA PRO E 76 -23.32 -38.98 11.10
C PRO E 76 -22.68 -37.99 12.05
N TRP E 77 -23.27 -37.73 13.22
CA TRP E 77 -22.88 -36.60 14.06
C TRP E 77 -22.37 -37.03 15.43
N ALA E 78 -21.97 -38.31 15.61
CA ALA E 78 -21.60 -38.81 16.92
C ALA E 78 -20.36 -39.70 16.95
N TRP E 79 -19.99 -40.36 15.85
CA TRP E 79 -18.86 -41.28 15.83
C TRP E 79 -17.53 -40.58 16.14
N ILE E 80 -17.51 -39.26 16.06
CA ILE E 80 -16.30 -38.48 16.28
C ILE E 80 -15.72 -38.67 17.68
N TYR E 81 -16.55 -39.02 18.67
CA TYR E 81 -16.05 -39.22 20.02
C TYR E 81 -15.24 -40.52 20.11
N PHE E 82 -15.68 -41.53 19.37
CA PHE E 82 -14.89 -42.74 19.22
C PHE E 82 -13.59 -42.42 18.48
N VAL E 83 -13.70 -41.55 17.47
CA VAL E 83 -12.47 -41.05 16.84
C VAL E 83 -11.59 -40.35 17.86
N SER E 84 -12.17 -39.79 18.92
CA SER E 84 -11.37 -39.20 19.99
C SER E 84 -10.59 -40.26 20.75
N PHE E 85 -11.23 -41.40 21.02
CA PHE E 85 -10.45 -42.57 21.44
C PHE E 85 -9.20 -42.67 20.59
N ILE E 86 -9.39 -42.68 19.26
CA ILE E 86 -8.28 -42.88 18.32
C ILE E 86 -7.22 -41.79 18.47
N LEU E 87 -7.66 -40.52 18.55
CA LEU E 87 -6.72 -39.41 18.66
C LEU E 87 -5.85 -39.54 19.92
N VAL E 88 -6.50 -39.71 21.07
CA VAL E 88 -5.77 -39.89 22.32
C VAL E 88 -4.75 -41.01 22.19
N SER E 89 -5.19 -42.13 21.62
CA SER E 89 -4.31 -43.28 21.42
C SER E 89 -3.07 -42.83 20.65
N SER E 90 -3.26 -42.41 19.39
CA SER E 90 -2.15 -42.02 18.52
C SER E 90 -1.13 -41.13 19.24
N PHE E 91 -1.62 -40.03 19.81
CA PHE E 91 -0.73 -39.11 20.54
C PHE E 91 0.11 -39.84 21.59
N THR E 92 -0.57 -40.46 22.56
CA THR E 92 0.13 -41.08 23.68
C THR E 92 1.11 -42.13 23.19
N VAL E 93 0.62 -43.08 22.39
CA VAL E 93 1.44 -44.20 21.91
C VAL E 93 2.72 -43.68 21.29
N LEU E 94 2.57 -42.90 20.20
CA LEU E 94 3.75 -42.40 19.51
C LEU E 94 4.73 -41.78 20.47
N ASN E 95 4.33 -40.70 21.15
CA ASN E 95 5.34 -39.85 21.75
C ASN E 95 5.94 -40.52 22.99
N LEU E 96 5.09 -41.03 23.89
CA LEU E 96 5.60 -41.75 25.06
C LEU E 96 6.54 -42.87 24.66
N PHE E 97 6.02 -43.82 23.86
CA PHE E 97 6.73 -45.06 23.58
C PHE E 97 8.08 -44.75 22.94
N ILE E 98 8.06 -43.95 21.86
CA ILE E 98 9.30 -43.74 21.13
C ILE E 98 10.24 -42.77 21.85
N GLY E 99 9.74 -41.88 22.72
CA GLY E 99 10.67 -41.06 23.50
C GLY E 99 11.52 -41.91 24.43
N ILE E 100 10.87 -42.82 25.16
CA ILE E 100 11.65 -43.74 26.00
C ILE E 100 12.64 -44.52 25.15
N ILE E 101 12.19 -45.01 23.99
CA ILE E 101 13.07 -45.78 23.11
C ILE E 101 14.29 -44.96 22.70
N ILE E 102 14.07 -43.70 22.32
CA ILE E 102 15.16 -42.86 21.79
C ILE E 102 16.19 -42.59 22.86
N GLU E 103 15.75 -42.26 24.08
CA GLU E 103 16.70 -42.04 25.17
C GLU E 103 17.55 -43.30 25.38
N SER E 104 16.90 -44.47 25.39
CA SER E 104 17.63 -45.72 25.54
C SER E 104 18.66 -45.91 24.42
N MSE E 105 18.31 -45.52 23.20
CA MSE E 105 19.20 -45.71 22.05
C MSE E 105 20.47 -44.86 22.14
O MSE E 105 21.59 -45.32 21.81
CB MSE E 105 18.47 -45.38 20.75
CG MSE E 105 17.31 -46.30 20.43
SE MSE E 105 17.84 -48.16 20.29
CE MSE E 105 18.94 -48.04 18.68
N GLN E 106 20.29 -43.60 22.55
CA GLN E 106 21.42 -42.71 22.81
C GLN E 106 22.39 -43.37 23.79
N SER E 107 21.85 -43.76 24.95
CA SER E 107 22.67 -44.42 25.95
C SER E 107 23.33 -45.68 25.39
N ALA E 108 22.62 -46.39 24.50
CA ALA E 108 23.13 -47.64 23.95
C ALA E 108 24.41 -47.41 23.15
N HIS E 109 24.35 -46.52 22.15
CA HIS E 109 25.56 -46.22 21.39
C HIS E 109 26.72 -45.82 22.28
N HIS E 110 26.52 -44.80 23.13
CA HIS E 110 27.65 -44.36 23.95
C HIS E 110 28.23 -45.51 24.78
N ALA E 111 27.41 -46.13 25.63
CA ALA E 111 27.91 -47.23 26.46
C ALA E 111 28.67 -48.26 25.63
N GLU E 112 28.00 -48.83 24.63
CA GLU E 112 28.57 -49.90 23.83
C GLU E 112 29.97 -49.55 23.33
N ASP E 113 30.06 -48.54 22.46
CA ASP E 113 31.34 -48.39 21.77
C ASP E 113 32.39 -47.65 22.59
N GLY E 114 32.00 -46.78 23.54
CA GLY E 114 32.99 -46.23 24.43
C GLY E 114 33.65 -47.28 25.31
N GLU E 115 32.86 -48.26 25.77
CA GLU E 115 33.44 -49.32 26.60
C GLU E 115 34.36 -50.21 25.76
N ARG E 116 33.98 -50.48 24.51
CA ARG E 116 34.90 -51.19 23.62
C ARG E 116 36.20 -50.39 23.42
N THR E 117 36.11 -49.06 23.37
CA THR E 117 37.33 -48.27 23.26
C THR E 117 38.16 -48.27 24.55
N ASP E 118 37.53 -48.49 25.71
CA ASP E 118 38.34 -48.70 26.92
C ASP E 118 39.17 -49.98 26.79
N ALA E 119 38.55 -51.05 26.27
CA ALA E 119 39.35 -52.20 25.86
C ALA E 119 40.47 -51.78 24.91
N TYR E 120 40.17 -50.85 24.01
CA TYR E 120 41.23 -50.38 23.11
C TYR E 120 42.35 -49.66 23.89
N ARG E 121 42.03 -49.08 25.04
CA ARG E 121 43.11 -48.57 25.91
C ARG E 121 44.02 -49.71 26.37
N ASP E 122 43.44 -50.88 26.67
CA ASP E 122 44.33 -52.00 27.02
C ASP E 122 45.23 -52.34 25.83
N GLU E 123 44.68 -52.23 24.61
CA GLU E 123 45.50 -52.33 23.41
C GLU E 123 46.68 -51.37 23.43
N VAL E 124 46.42 -50.12 23.81
CA VAL E 124 47.49 -49.12 23.91
C VAL E 124 48.62 -49.65 24.78
N LEU E 125 48.26 -50.16 25.95
CA LEU E 125 49.29 -50.71 26.85
C LEU E 125 50.07 -51.84 26.19
N ALA E 126 49.39 -52.73 25.46
CA ALA E 126 50.10 -53.84 24.82
C ALA E 126 51.12 -53.32 23.79
N ARG E 127 50.70 -52.38 22.95
CA ARG E 127 51.61 -51.98 21.90
C ARG E 127 52.81 -51.22 22.47
N LEU E 128 52.61 -50.46 23.55
CA LEU E 128 53.79 -49.86 24.16
C LEU E 128 54.60 -50.86 24.99
N GLU E 129 54.01 -51.99 25.40
CA GLU E 129 54.83 -53.00 26.07
C GLU E 129 55.84 -53.57 25.11
N GLN E 130 55.45 -53.70 23.83
CA GLN E 130 56.44 -54.10 22.83
C GLN E 130 57.44 -52.97 22.59
N ILE E 131 56.96 -51.81 22.15
CA ILE E 131 57.86 -50.85 21.53
C ILE E 131 58.85 -50.17 22.47
N ASP E 132 58.68 -50.25 23.79
CA ASP E 132 59.57 -49.49 24.65
C ASP E 132 60.67 -50.31 25.30
N GLN E 133 60.42 -51.61 25.49
CA GLN E 133 61.32 -52.47 26.31
C GLN E 133 62.27 -53.37 25.50
N ARG E 134 62.00 -53.59 24.22
CA ARG E 134 62.76 -54.50 23.38
C ARG E 134 63.54 -53.67 22.37
N SER F 3 35.12 -21.95 12.59
CA SER F 3 34.06 -22.31 13.54
C SER F 3 34.17 -21.46 14.80
N SER F 4 33.17 -20.62 15.06
CA SER F 4 33.28 -19.66 16.14
C SER F 4 31.91 -19.23 16.66
N PRO F 5 31.95 -18.69 17.87
CA PRO F 5 31.01 -17.79 18.54
C PRO F 5 29.74 -18.44 19.11
N SER F 6 29.42 -19.70 18.82
CA SER F 6 28.25 -20.26 19.50
C SER F 6 28.53 -21.55 20.24
N LEU F 7 29.05 -22.56 19.54
CA LEU F 7 29.24 -23.89 20.10
C LEU F 7 27.98 -24.39 20.81
N LEU F 8 26.95 -24.66 20.00
CA LEU F 8 25.65 -25.15 20.48
C LEU F 8 24.88 -24.09 21.28
N ARG F 9 24.51 -23.00 20.62
CA ARG F 9 23.51 -22.06 21.14
C ARG F 9 22.14 -22.32 20.50
N ALA F 10 21.53 -23.43 20.88
CA ALA F 10 20.15 -23.70 20.45
C ALA F 10 19.13 -23.22 21.47
N ILE F 11 19.33 -21.99 21.95
CA ILE F 11 18.47 -21.38 22.96
C ILE F 11 17.25 -20.66 22.38
N PRO F 12 17.39 -19.76 21.36
CA PRO F 12 16.31 -18.80 21.05
C PRO F 12 14.92 -19.41 20.92
N GLY F 13 14.84 -20.70 20.63
CA GLY F 13 13.56 -21.41 20.62
C GLY F 13 12.79 -21.27 21.91
N ILE F 14 13.42 -20.72 22.95
CA ILE F 14 12.75 -20.40 24.21
C ILE F 14 11.57 -19.48 24.00
N ALA F 15 11.52 -18.76 22.87
CA ALA F 15 10.34 -17.99 22.52
C ALA F 15 9.09 -18.86 22.59
N TRP F 16 9.16 -20.05 21.96
CA TRP F 16 8.16 -21.09 22.10
C TRP F 16 7.63 -21.18 23.53
N ILE F 17 8.55 -21.37 24.48
CA ILE F 17 8.18 -21.45 25.89
C ILE F 17 7.29 -20.27 26.27
N ALA F 18 7.84 -19.06 26.12
CA ALA F 18 7.09 -17.86 26.49
C ALA F 18 5.75 -17.83 25.77
N LEU F 19 5.72 -18.18 24.50
CA LEU F 19 4.48 -18.12 23.75
C LEU F 19 3.50 -19.16 24.28
N LEU F 20 3.96 -20.40 24.52
CA LEU F 20 3.14 -21.34 25.25
C LEU F 20 2.60 -20.69 26.51
N LEU F 21 3.49 -20.07 27.29
CA LEU F 21 3.11 -19.31 28.47
C LEU F 21 1.85 -18.51 28.21
N LEU F 22 1.92 -17.59 27.24
CA LEU F 22 0.78 -16.74 26.94
C LEU F 22 -0.46 -17.59 26.71
N VAL F 23 -0.38 -18.50 25.73
CA VAL F 23 -1.49 -19.40 25.42
C VAL F 23 -2.02 -20.04 26.70
N ILE F 24 -1.12 -20.70 27.44
CA ILE F 24 -1.53 -21.43 28.62
C ILE F 24 -2.35 -20.52 29.53
N PHE F 25 -1.81 -19.32 29.80
CA PHE F 25 -2.43 -18.33 30.65
C PHE F 25 -3.86 -18.21 30.15
N TYR F 26 -3.97 -17.71 28.92
CA TYR F 26 -5.24 -17.54 28.24
C TYR F 26 -6.13 -18.75 28.48
N VAL F 27 -5.64 -19.92 28.06
CA VAL F 27 -6.47 -21.11 28.03
C VAL F 27 -7.18 -21.26 29.36
N PHE F 28 -6.41 -21.35 30.44
CA PHE F 28 -7.07 -21.79 31.65
C PHE F 28 -7.62 -20.61 32.43
N ALA F 29 -7.18 -19.39 32.10
CA ALA F 29 -7.93 -18.22 32.48
C ALA F 29 -9.36 -18.35 31.98
N VAL F 30 -9.51 -18.70 30.69
CA VAL F 30 -10.84 -18.90 30.13
C VAL F 30 -11.57 -20.01 30.88
N MSE F 31 -10.84 -21.04 31.28
CA MSE F 31 -11.51 -22.21 31.85
C MSE F 31 -11.91 -21.87 33.27
O MSE F 31 -12.69 -22.59 33.91
CB MSE F 31 -10.60 -23.43 31.81
CG MSE F 31 -11.28 -24.77 32.07
SE MSE F 31 -9.99 -26.23 32.27
CE MSE F 31 -9.21 -26.24 30.50
N GLY F 32 -11.36 -20.77 33.79
CA GLY F 32 -11.80 -20.25 35.08
C GLY F 32 -12.82 -19.16 34.88
N THR F 33 -12.77 -18.51 33.71
CA THR F 33 -13.77 -17.53 33.33
C THR F 33 -15.06 -18.18 32.87
N LYS F 34 -15.00 -19.44 32.45
CA LYS F 34 -16.21 -20.14 32.00
C LYS F 34 -17.10 -20.51 33.19
N LEU F 35 -16.56 -21.29 34.12
CA LEU F 35 -17.36 -21.76 35.25
C LEU F 35 -17.69 -20.61 36.20
N PHE F 36 -16.68 -19.82 36.54
CA PHE F 36 -16.87 -18.55 37.25
C PHE F 36 -17.15 -17.43 36.25
N ALA F 37 -16.95 -16.19 36.69
CA ALA F 37 -17.17 -14.91 36.03
C ALA F 37 -18.64 -14.51 36.08
N GLN F 38 -19.53 -15.37 36.58
CA GLN F 38 -20.89 -15.00 36.88
C GLN F 38 -21.26 -15.31 38.32
N SER F 39 -20.53 -16.19 38.99
CA SER F 39 -20.84 -16.58 40.36
C SER F 39 -20.28 -15.60 41.38
N PHE F 40 -18.96 -15.45 41.41
CA PHE F 40 -18.35 -14.63 42.44
C PHE F 40 -18.60 -13.14 42.17
N PRO F 41 -18.74 -12.34 43.23
CA PRO F 41 -18.89 -10.88 43.05
C PRO F 41 -17.58 -10.14 42.86
N GLU F 42 -16.44 -10.81 43.02
CA GLU F 42 -15.16 -10.11 43.10
C GLU F 42 -14.82 -9.38 41.81
N TRP F 43 -14.61 -10.12 40.73
CA TRP F 43 -14.35 -9.47 39.45
C TRP F 43 -15.70 -9.05 38.84
N PHE F 44 -16.63 -10.01 38.79
CA PHE F 44 -18.05 -9.86 38.51
C PHE F 44 -18.31 -9.54 37.04
N GLY F 45 -17.28 -9.12 36.32
CA GLY F 45 -17.25 -9.31 34.89
C GLY F 45 -15.83 -9.71 34.52
N THR F 46 -15.65 -10.94 34.09
CA THR F 46 -14.34 -11.36 33.60
C THR F 46 -14.31 -11.30 32.08
N LEU F 47 -14.74 -10.15 31.55
CA LEU F 47 -14.70 -9.96 30.11
C LEU F 47 -13.28 -9.66 29.68
N GLY F 48 -12.59 -8.79 30.43
CA GLY F 48 -11.19 -8.51 30.24
C GLY F 48 -10.38 -8.53 31.51
N ALA F 49 -11.02 -8.81 32.64
CA ALA F 49 -10.33 -8.93 33.91
C ALA F 49 -9.59 -10.25 34.06
N SER F 50 -9.64 -11.11 33.05
CA SER F 50 -9.06 -12.45 33.15
C SER F 50 -7.60 -12.40 33.54
N MSE F 51 -6.77 -11.83 32.66
CA MSE F 51 -5.33 -11.83 32.86
C MSE F 51 -4.92 -10.92 34.01
O MSE F 51 -4.03 -11.29 34.77
CB MSE F 51 -4.62 -11.42 31.57
CG MSE F 51 -4.71 -12.46 30.47
SE MSE F 51 -3.67 -12.02 28.90
CE MSE F 51 -4.87 -10.70 28.11
N TYR F 52 -5.57 -9.76 34.12
CA TYR F 52 -5.34 -8.87 35.25
C TYR F 52 -5.42 -9.64 36.57
N THR F 53 -6.57 -10.28 36.81
CA THR F 53 -6.76 -10.98 38.06
C THR F 53 -5.88 -12.22 38.17
N LEU F 54 -5.58 -12.89 37.06
CA LEU F 54 -4.77 -14.09 37.19
C LEU F 54 -3.33 -13.74 37.59
N PHE F 55 -2.75 -12.72 36.96
CA PHE F 55 -1.40 -12.35 37.40
C PHE F 55 -1.41 -11.58 38.71
N GLN F 56 -2.55 -11.04 39.14
CA GLN F 56 -2.59 -10.54 40.51
C GLN F 56 -2.49 -11.70 41.48
N VAL F 57 -3.21 -12.80 41.21
CA VAL F 57 -3.14 -13.97 42.09
C VAL F 57 -1.81 -14.67 41.94
N MSE F 58 -0.99 -14.25 40.99
CA MSE F 58 0.40 -14.71 40.96
C MSE F 58 1.21 -14.11 42.13
O MSE F 58 2.10 -13.29 41.91
CB MSE F 58 1.08 -14.35 39.64
CG MSE F 58 0.62 -15.13 38.43
SE MSE F 58 1.20 -16.99 38.49
CE MSE F 58 0.54 -17.55 36.74
N THR F 59 0.89 -14.56 43.34
CA THR F 59 1.63 -14.28 44.59
C THR F 59 2.11 -12.83 44.66
N LEU F 60 1.14 -11.92 44.66
CA LEU F 60 1.41 -10.49 44.72
C LEU F 60 0.99 -9.94 46.07
N GLU F 61 1.94 -9.36 46.79
CA GLU F 61 1.74 -8.69 48.08
C GLU F 61 1.15 -9.60 49.15
N SER F 62 1.16 -10.93 48.94
CA SER F 62 0.57 -11.88 49.88
C SER F 62 -0.90 -11.56 50.16
N TRP F 63 -1.61 -11.10 49.13
CA TRP F 63 -2.98 -10.63 49.25
C TRP F 63 -3.92 -11.16 48.18
N SER F 64 -3.42 -11.59 47.03
CA SER F 64 -4.30 -12.14 46.02
C SER F 64 -4.61 -13.62 46.24
N MSE F 65 -3.88 -14.31 47.10
CA MSE F 65 -4.42 -15.56 47.63
C MSE F 65 -5.56 -15.17 48.59
O MSE F 65 -6.60 -15.87 48.75
CB MSE F 65 -3.28 -16.36 48.26
CG MSE F 65 -2.48 -15.62 49.31
SE MSE F 65 -0.77 -16.51 49.65
CE MSE F 65 -1.38 -18.03 50.68
N GLY F 66 -5.39 -13.98 49.15
CA GLY F 66 -6.53 -13.28 49.74
C GLY F 66 -7.69 -13.17 48.76
N ILE F 67 -7.40 -12.88 47.50
CA ILE F 67 -8.47 -12.82 46.50
C ILE F 67 -8.91 -14.22 46.07
N ALA F 68 -8.09 -15.24 46.36
CA ALA F 68 -8.48 -16.63 46.14
C ALA F 68 -9.47 -17.13 47.17
N ARG F 69 -9.61 -16.44 48.30
CA ARG F 69 -10.74 -16.71 49.22
C ARG F 69 -12.10 -16.93 48.54
N PRO F 70 -12.57 -16.07 47.65
CA PRO F 70 -13.87 -16.34 47.00
C PRO F 70 -13.91 -17.62 46.17
N VAL F 71 -12.79 -18.29 45.91
CA VAL F 71 -12.88 -19.64 45.33
C VAL F 71 -12.98 -20.69 46.44
N ILE F 72 -12.53 -20.36 47.65
CA ILE F 72 -12.89 -21.17 48.82
C ILE F 72 -14.38 -21.10 49.03
N GLU F 73 -15.02 -20.02 48.58
CA GLU F 73 -16.48 -19.94 48.65
C GLU F 73 -17.21 -21.02 47.86
N ALA F 74 -16.52 -21.86 47.10
CA ALA F 74 -17.14 -22.96 46.36
C ALA F 74 -16.19 -24.15 46.37
N TYR F 75 -16.61 -25.26 47.00
CA TYR F 75 -15.62 -26.27 47.37
C TYR F 75 -15.17 -27.10 46.16
N PRO F 76 -16.06 -27.92 45.52
CA PRO F 76 -15.57 -28.82 44.47
C PRO F 76 -15.35 -28.10 43.15
N TRP F 77 -16.33 -27.28 42.78
CA TRP F 77 -16.35 -26.57 41.51
C TRP F 77 -15.35 -25.42 41.45
N ALA F 78 -14.55 -25.22 42.50
CA ALA F 78 -13.58 -24.12 42.53
C ALA F 78 -12.43 -24.52 43.45
N TRP F 79 -11.43 -25.19 42.88
CA TRP F 79 -10.17 -25.34 43.60
C TRP F 79 -8.91 -25.22 42.75
N ILE F 80 -8.97 -25.41 41.44
CA ILE F 80 -7.79 -25.80 40.65
C ILE F 80 -7.19 -24.58 39.93
N TYR F 81 -7.39 -23.38 40.47
CA TYR F 81 -7.00 -22.13 39.82
C TYR F 81 -5.59 -21.71 40.25
N PHE F 82 -5.34 -21.75 41.55
CA PHE F 82 -3.96 -21.64 42.02
C PHE F 82 -3.13 -22.78 41.43
N VAL F 83 -3.76 -23.95 41.24
CA VAL F 83 -3.11 -25.07 40.57
C VAL F 83 -2.86 -24.75 39.09
N SER F 84 -3.75 -23.97 38.46
CA SER F 84 -3.43 -23.38 37.17
C SER F 84 -2.06 -22.74 37.21
N PHE F 85 -1.84 -21.92 38.23
CA PHE F 85 -0.57 -21.19 38.28
C PHE F 85 0.60 -22.16 38.43
N ILE F 86 0.44 -23.15 39.31
CA ILE F 86 1.49 -24.16 39.50
C ILE F 86 1.82 -24.86 38.19
N LEU F 87 0.81 -25.22 37.40
CA LEU F 87 1.09 -25.96 36.16
C LEU F 87 1.70 -25.08 35.08
N VAL F 88 1.29 -23.81 35.01
CA VAL F 88 1.97 -22.86 34.13
C VAL F 88 3.45 -22.81 34.48
N SER F 89 3.75 -22.66 35.78
CA SER F 89 5.14 -22.68 36.23
C SER F 89 5.83 -23.98 35.83
N SER F 90 5.12 -25.10 35.94
CA SER F 90 5.69 -26.39 35.59
C SER F 90 6.22 -26.35 34.17
N PHE F 91 5.32 -26.20 33.20
CA PHE F 91 5.76 -26.13 31.80
C PHE F 91 6.92 -25.16 31.62
N THR F 92 6.70 -23.88 31.96
CA THR F 92 7.66 -22.86 31.56
C THR F 92 9.03 -23.07 32.22
N VAL F 93 9.04 -23.15 33.55
CA VAL F 93 10.30 -23.27 34.29
C VAL F 93 11.03 -24.55 33.90
N LEU F 94 10.34 -25.69 33.97
CA LEU F 94 10.97 -26.96 33.59
C LEU F 94 11.65 -26.82 32.24
N ASN F 95 10.88 -26.52 31.19
CA ASN F 95 11.46 -26.40 29.86
C ASN F 95 12.69 -25.52 29.88
N LEU F 96 12.52 -24.23 30.18
CA LEU F 96 13.62 -23.30 29.95
C LEU F 96 14.86 -23.70 30.77
N PHE F 97 14.76 -23.64 32.10
CA PHE F 97 15.96 -23.86 32.91
C PHE F 97 16.55 -25.25 32.69
N ILE F 98 15.73 -26.29 32.92
CA ILE F 98 16.31 -27.63 33.01
C ILE F 98 16.75 -28.11 31.64
N GLY F 99 16.01 -27.75 30.57
CA GLY F 99 16.46 -28.11 29.24
C GLY F 99 17.78 -27.48 28.88
N ILE F 100 17.95 -26.17 29.16
CA ILE F 100 19.21 -25.54 28.84
C ILE F 100 20.37 -26.20 29.59
N ILE F 101 20.14 -26.53 30.87
CA ILE F 101 21.21 -27.12 31.68
C ILE F 101 21.60 -28.50 31.14
N ILE F 102 20.60 -29.35 30.87
CA ILE F 102 20.90 -30.69 30.36
C ILE F 102 21.58 -30.63 29.00
N GLU F 103 21.23 -29.64 28.17
CA GLU F 103 21.87 -29.50 26.87
C GLU F 103 23.35 -29.14 27.02
N SER F 104 23.67 -28.23 27.95
CA SER F 104 25.07 -27.95 28.24
C SER F 104 25.80 -29.21 28.74
N MSE F 105 25.12 -30.06 29.51
CA MSE F 105 25.80 -31.25 29.99
C MSE F 105 26.01 -32.28 28.86
O MSE F 105 26.92 -33.14 28.91
CB MSE F 105 25.04 -31.84 31.17
CG MSE F 105 24.90 -30.84 32.30
SE MSE F 105 26.64 -30.19 32.91
CE MSE F 105 26.06 -28.84 34.18
N GLN F 106 25.19 -32.19 27.82
CA GLN F 106 25.46 -32.99 26.63
C GLN F 106 26.73 -32.51 25.94
N SER F 107 26.89 -31.18 25.86
CA SER F 107 28.17 -30.63 25.43
C SER F 107 29.33 -31.20 26.27
N ALA F 108 29.06 -31.41 27.57
CA ALA F 108 30.07 -32.02 28.45
C ALA F 108 30.45 -33.43 27.99
N HIS F 109 29.44 -34.26 27.68
CA HIS F 109 29.70 -35.52 26.96
C HIS F 109 30.77 -35.36 25.89
N HIS F 110 30.48 -34.47 24.94
CA HIS F 110 31.34 -34.34 23.76
C HIS F 110 32.78 -33.99 24.15
N ALA F 111 32.94 -32.92 24.92
CA ALA F 111 34.28 -32.45 25.26
C ALA F 111 35.07 -33.51 26.03
N GLU F 112 34.39 -34.23 26.92
CA GLU F 112 35.06 -35.22 27.76
C GLU F 112 35.64 -36.35 26.90
N ASP F 113 34.85 -36.86 25.96
CA ASP F 113 35.38 -37.92 25.10
C ASP F 113 36.51 -37.42 24.18
N GLY F 114 36.44 -36.16 23.76
CA GLY F 114 37.56 -35.59 23.01
C GLY F 114 38.87 -35.59 23.81
N GLU F 115 38.78 -35.22 25.08
CA GLU F 115 39.97 -35.26 25.94
C GLU F 115 40.54 -36.69 26.02
N ARG F 116 39.66 -37.69 26.04
CA ARG F 116 40.14 -39.06 25.98
C ARG F 116 40.93 -39.33 24.68
N THR F 117 40.46 -38.79 23.56
CA THR F 117 41.26 -38.91 22.33
C THR F 117 42.64 -38.24 22.48
N ASP F 118 42.73 -37.20 23.29
CA ASP F 118 44.08 -36.65 23.52
C ASP F 118 44.96 -37.60 24.34
N ALA F 119 44.36 -38.37 25.23
CA ALA F 119 45.13 -39.52 25.75
C ALA F 119 45.67 -40.37 24.59
N TYR F 120 44.87 -40.52 23.54
CA TYR F 120 45.46 -41.23 22.40
C TYR F 120 46.64 -40.42 21.81
N ARG F 121 46.66 -39.11 21.99
CA ARG F 121 47.93 -38.41 21.69
C ARG F 121 49.09 -38.97 22.53
N ASP F 122 48.73 -39.49 23.70
CA ASP F 122 49.74 -40.16 24.56
C ASP F 122 50.33 -41.29 23.73
N GLU F 123 49.46 -42.06 23.08
CA GLU F 123 49.96 -43.18 22.26
C GLU F 123 50.86 -42.67 21.14
N VAL F 124 50.60 -41.45 20.65
CA VAL F 124 51.53 -40.83 19.69
C VAL F 124 52.94 -40.79 20.29
N LEU F 125 53.03 -40.36 21.56
CA LEU F 125 54.30 -40.46 22.29
C LEU F 125 54.97 -41.81 22.07
N ALA F 126 54.21 -42.90 22.25
CA ALA F 126 54.83 -44.23 22.12
C ALA F 126 55.30 -44.52 20.68
N ARG F 127 54.49 -44.10 19.70
CA ARG F 127 54.88 -44.37 18.31
C ARG F 127 56.26 -43.77 18.03
N LEU F 128 56.52 -42.58 18.57
CA LEU F 128 57.84 -42.00 18.34
C LEU F 128 58.87 -42.44 19.37
N GLU F 129 58.45 -43.15 20.42
CA GLU F 129 59.41 -43.96 21.16
C GLU F 129 60.12 -44.94 20.25
N GLN F 130 59.39 -45.57 19.33
CA GLN F 130 60.16 -46.48 18.45
C GLN F 130 60.60 -45.92 17.10
N ILE F 131 59.84 -45.04 16.44
CA ILE F 131 60.20 -44.71 15.06
C ILE F 131 61.59 -44.10 14.97
N ASP F 132 61.87 -43.07 15.78
CA ASP F 132 63.06 -42.26 15.58
C ASP F 132 64.16 -42.49 16.62
N GLN F 133 63.92 -43.28 17.65
CA GLN F 133 64.84 -43.33 18.79
C GLN F 133 65.80 -44.51 18.74
N ARG F 134 65.29 -45.73 18.73
CA ARG F 134 66.13 -46.93 18.68
C ARG F 134 66.15 -47.50 17.26
N LEU F 135 66.85 -46.75 16.41
CA LEU F 135 67.04 -47.08 15.00
C LEU F 135 68.28 -47.94 14.78
N ASN F 136 68.90 -48.43 15.86
CA ASN F 136 70.12 -49.24 15.79
C ASN F 136 71.25 -48.49 15.08
N ALA F 137 71.33 -47.18 15.31
CA ALA F 137 72.36 -46.36 14.68
C ALA F 137 73.59 -46.22 15.57
N LEU F 138 74.10 -47.35 16.08
CA LEU F 138 75.34 -47.34 16.84
C LEU F 138 76.42 -48.20 16.20
N GLY F 139 76.19 -49.50 16.05
CA GLY F 139 77.21 -50.44 15.57
C GLY F 139 76.53 -51.77 15.28
N GLU F 140 77.34 -52.78 15.00
CA GLU F 140 76.92 -54.18 14.88
C GLU F 140 76.09 -54.44 13.63
N LEU G 8 -6.92 20.01 -30.14
CA LEU G 8 -5.97 19.21 -30.92
C LEU G 8 -5.41 18.10 -30.02
N ARG G 9 -4.50 18.49 -29.14
CA ARG G 9 -3.86 17.57 -28.22
C ARG G 9 -3.51 18.26 -26.90
N ALA G 10 -4.30 19.28 -26.54
CA ALA G 10 -3.93 20.31 -25.56
C ALA G 10 -3.46 19.76 -24.22
N ILE G 11 -2.24 20.14 -23.86
CA ILE G 11 -1.62 19.91 -22.56
C ILE G 11 -2.07 20.93 -21.50
N PRO G 12 -2.17 22.23 -21.83
CA PRO G 12 -2.40 23.24 -20.77
C PRO G 12 -3.59 22.98 -19.87
N GLY G 13 -4.72 22.57 -20.44
CA GLY G 13 -5.90 22.28 -19.64
C GLY G 13 -5.59 21.31 -18.53
N ILE G 14 -5.10 20.12 -18.90
CA ILE G 14 -4.81 19.07 -17.93
C ILE G 14 -3.74 19.50 -16.95
N ALA G 15 -2.77 20.31 -17.40
CA ALA G 15 -1.72 20.76 -16.48
C ALA G 15 -2.29 21.63 -15.36
N TRP G 16 -3.04 22.68 -15.74
CA TRP G 16 -3.58 23.58 -14.73
C TRP G 16 -4.62 22.87 -13.87
N ILE G 17 -5.38 21.95 -14.47
CA ILE G 17 -6.23 21.05 -13.69
C ILE G 17 -5.41 20.36 -12.61
N ALA G 18 -4.40 19.59 -13.02
CA ALA G 18 -3.57 18.84 -12.08
C ALA G 18 -3.11 19.71 -10.91
N LEU G 19 -2.70 20.95 -11.19
CA LEU G 19 -2.32 21.84 -10.10
C LEU G 19 -3.48 22.06 -9.12
N LEU G 20 -4.64 22.50 -9.62
CA LEU G 20 -5.72 22.80 -8.68
C LEU G 20 -6.28 21.52 -8.03
N LEU G 21 -6.18 20.39 -8.72
CA LEU G 21 -6.50 19.10 -8.13
C LEU G 21 -5.62 18.82 -6.92
N LEU G 22 -4.31 19.05 -7.06
CA LEU G 22 -3.42 18.82 -5.92
C LEU G 22 -3.63 19.88 -4.84
N VAL G 23 -4.15 21.06 -5.19
CA VAL G 23 -4.43 22.01 -4.12
C VAL G 23 -5.64 21.54 -3.30
N ILE G 24 -6.64 20.97 -3.96
CA ILE G 24 -7.70 20.26 -3.22
C ILE G 24 -7.08 19.18 -2.34
N PHE G 25 -6.09 18.46 -2.88
CA PHE G 25 -5.44 17.41 -2.09
C PHE G 25 -4.86 17.95 -0.79
N TYR G 26 -4.07 19.03 -0.86
CA TYR G 26 -3.49 19.49 0.42
C TYR G 26 -4.55 20.12 1.32
N VAL G 27 -5.56 20.77 0.74
CA VAL G 27 -6.62 21.36 1.57
C VAL G 27 -7.29 20.28 2.41
N PHE G 28 -7.74 19.20 1.76
CA PHE G 28 -8.38 18.16 2.57
C PHE G 28 -7.40 17.27 3.32
N ALA G 29 -6.12 17.27 2.95
CA ALA G 29 -5.12 16.66 3.81
C ALA G 29 -5.08 17.37 5.16
N VAL G 30 -5.09 18.71 5.12
CA VAL G 30 -5.18 19.48 6.36
C VAL G 30 -6.52 19.23 7.05
N MSE G 31 -7.59 19.16 6.26
CA MSE G 31 -8.92 18.89 6.79
C MSE G 31 -8.99 17.60 7.61
O MSE G 31 -9.65 17.54 8.64
CB MSE G 31 -9.92 18.81 5.63
CG MSE G 31 -11.36 18.63 6.06
SE MSE G 31 -12.13 20.23 6.86
CE MSE G 31 -12.44 21.25 5.23
N GLY G 32 -8.29 16.57 7.14
CA GLY G 32 -8.28 15.27 7.78
C GLY G 32 -7.06 14.95 8.61
N THR G 33 -6.12 15.89 8.78
CA THR G 33 -4.93 15.64 9.58
C THR G 33 -4.90 16.38 10.91
N LYS G 34 -5.75 17.38 11.10
CA LYS G 34 -5.77 18.15 12.35
C LYS G 34 -6.83 17.65 13.31
N LEU G 35 -7.99 17.25 12.80
CA LEU G 35 -9.08 16.74 13.62
C LEU G 35 -9.09 15.23 13.71
N PHE G 36 -8.30 14.53 12.89
CA PHE G 36 -8.36 13.07 12.82
C PHE G 36 -6.98 12.44 13.01
N ALA G 37 -6.12 13.06 13.81
CA ALA G 37 -4.78 12.53 14.05
C ALA G 37 -4.57 12.17 15.52
N GLN G 38 -4.77 13.14 16.44
CA GLN G 38 -4.42 12.93 17.83
C GLN G 38 -5.34 11.96 18.54
N SER G 39 -6.54 11.72 18.01
CA SER G 39 -7.48 10.79 18.63
C SER G 39 -7.98 9.72 17.67
N PHE G 40 -7.50 9.70 16.43
CA PHE G 40 -7.88 8.70 15.42
C PHE G 40 -6.63 7.96 15.00
N PRO G 41 -6.19 6.98 15.78
CA PRO G 41 -4.91 6.32 15.55
C PRO G 41 -4.93 5.24 14.47
N GLU G 42 -6.00 5.13 13.68
CA GLU G 42 -5.93 4.37 12.45
C GLU G 42 -4.71 4.79 11.63
N TRP G 43 -4.55 6.09 11.48
CA TRP G 43 -3.34 6.74 11.00
C TRP G 43 -2.75 7.49 12.20
N PHE G 44 -1.78 6.86 12.85
CA PHE G 44 -1.43 7.17 14.23
C PHE G 44 -0.96 8.62 14.38
N GLY G 45 0.20 8.93 13.81
CA GLY G 45 0.73 10.29 13.80
C GLY G 45 0.45 11.06 12.52
N THR G 46 -0.80 11.44 12.29
CA THR G 46 -1.20 11.99 11.00
C THR G 46 -0.89 13.48 10.94
N LEU G 47 0.34 13.81 10.55
CA LEU G 47 0.69 15.16 10.13
C LEU G 47 1.18 15.21 8.69
N GLY G 48 2.13 14.37 8.33
CA GLY G 48 2.61 14.29 6.97
C GLY G 48 2.04 13.07 6.26
N ALA G 49 1.49 12.14 7.02
CA ALA G 49 0.90 10.93 6.45
C ALA G 49 -0.49 11.16 5.89
N SER G 50 -1.07 12.35 6.07
CA SER G 50 -2.45 12.58 5.67
C SER G 50 -2.65 12.37 4.17
N MSE G 51 -1.65 12.72 3.37
CA MSE G 51 -1.68 12.51 1.93
C MSE G 51 -2.00 11.04 1.66
O MSE G 51 -2.96 10.69 0.95
CB MSE G 51 -0.33 12.85 1.31
CG MSE G 51 0.25 14.21 1.69
SE MSE G 51 -0.74 15.77 1.11
CE MSE G 51 0.45 17.13 1.85
N TYR G 52 -1.15 10.20 2.25
CA TYR G 52 -1.25 8.76 2.08
C TYR G 52 -2.56 8.22 2.63
N THR G 53 -3.01 8.74 3.77
CA THR G 53 -4.26 8.27 4.36
C THR G 53 -5.43 8.53 3.43
N LEU G 54 -5.56 9.78 2.95
CA LEU G 54 -6.68 10.13 2.10
C LEU G 54 -6.64 9.37 0.77
N PHE G 55 -5.48 9.35 0.11
CA PHE G 55 -5.42 8.68 -1.17
C PHE G 55 -5.54 7.17 -1.02
N GLN G 56 -5.26 6.65 0.18
CA GLN G 56 -5.55 5.26 0.50
C GLN G 56 -7.05 5.04 0.64
N VAL G 57 -7.74 5.98 1.29
CA VAL G 57 -9.21 5.95 1.37
C VAL G 57 -9.80 5.95 -0.03
N MSE G 58 -9.07 6.48 -1.01
CA MSE G 58 -9.59 6.49 -2.38
C MSE G 58 -9.66 5.10 -3.01
O MSE G 58 -8.67 4.59 -3.55
CB MSE G 58 -8.73 7.40 -3.26
CG MSE G 58 -8.79 8.86 -2.87
SE MSE G 58 -10.58 9.57 -3.10
CE MSE G 58 -10.25 11.39 -2.50
N THR G 59 -10.86 4.51 -2.94
CA THR G 59 -11.31 3.35 -3.71
C THR G 59 -10.21 2.32 -3.97
N LEU G 60 -9.63 1.82 -2.89
CA LEU G 60 -8.60 0.78 -2.98
C LEU G 60 -9.01 -0.41 -2.11
N GLU G 61 -9.33 -1.53 -2.76
CA GLU G 61 -9.67 -2.80 -2.14
C GLU G 61 -10.90 -2.73 -1.25
N SER G 62 -11.68 -1.64 -1.32
CA SER G 62 -12.91 -1.47 -0.56
C SER G 62 -12.69 -1.58 0.95
N TRP G 63 -11.44 -1.43 1.40
CA TRP G 63 -11.09 -1.68 2.79
C TRP G 63 -10.60 -0.43 3.53
N SER G 64 -10.06 0.55 2.82
CA SER G 64 -9.82 1.83 3.47
C SER G 64 -11.10 2.65 3.62
N MSE G 65 -12.18 2.28 2.96
CA MSE G 65 -13.46 2.93 3.26
C MSE G 65 -13.91 2.32 4.60
O MSE G 65 -14.60 2.93 5.45
CB MSE G 65 -14.43 2.70 2.12
CG MSE G 65 -13.83 3.18 0.79
SE MSE G 65 -14.90 2.95 -0.82
CE MSE G 65 -16.06 4.50 -0.62
N GLY G 66 -13.42 1.09 4.80
CA GLY G 66 -13.49 0.48 6.11
C GLY G 66 -12.62 1.17 7.15
N ILE G 67 -11.47 1.73 6.74
CA ILE G 67 -10.76 2.59 7.67
C ILE G 67 -11.57 3.86 7.91
N ALA G 68 -12.39 4.24 6.93
CA ALA G 68 -13.15 5.48 7.03
C ALA G 68 -14.20 5.42 8.13
N ARG G 69 -14.97 4.33 8.18
CA ARG G 69 -16.15 4.31 9.07
C ARG G 69 -15.83 4.49 10.57
N PRO G 70 -14.79 3.86 11.13
CA PRO G 70 -14.48 4.11 12.55
C PRO G 70 -14.02 5.53 12.80
N VAL G 71 -13.60 6.26 11.76
CA VAL G 71 -13.46 7.71 11.92
C VAL G 71 -14.83 8.35 12.00
N ILE G 72 -15.78 7.85 11.21
CA ILE G 72 -17.16 8.34 11.27
C ILE G 72 -17.80 8.05 12.61
N GLU G 73 -17.19 7.18 13.42
CA GLU G 73 -17.63 6.98 14.80
C GLU G 73 -17.76 8.29 15.58
N ALA G 74 -17.09 9.35 15.13
CA ALA G 74 -17.19 10.70 15.71
C ALA G 74 -18.15 11.57 14.92
N TYR G 75 -19.25 10.97 14.45
CA TYR G 75 -20.21 11.43 13.46
C TYR G 75 -20.47 12.94 13.43
N PRO G 76 -20.71 13.61 14.55
CA PRO G 76 -20.98 15.07 14.48
C PRO G 76 -19.85 15.89 13.89
N TRP G 77 -18.61 15.38 13.92
CA TRP G 77 -17.44 16.13 13.48
C TRP G 77 -16.55 15.31 12.55
N ALA G 78 -17.13 14.34 11.83
CA ALA G 78 -16.35 13.39 11.06
C ALA G 78 -17.02 13.03 9.72
N TRP G 79 -17.46 14.04 8.97
CA TRP G 79 -18.23 13.85 7.74
C TRP G 79 -17.53 14.47 6.53
N ILE G 80 -16.68 15.46 6.78
CA ILE G 80 -16.16 16.32 5.72
C ILE G 80 -15.10 15.65 4.87
N TYR G 81 -14.68 14.41 5.18
CA TYR G 81 -13.62 13.87 4.33
C TYR G 81 -14.13 12.82 3.34
N PHE G 82 -15.31 12.24 3.54
CA PHE G 82 -15.96 11.82 2.31
C PHE G 82 -16.64 12.99 1.59
N VAL G 83 -16.82 14.14 2.27
CA VAL G 83 -17.00 15.34 1.45
C VAL G 83 -15.73 15.60 0.60
N SER G 84 -14.56 15.33 1.16
CA SER G 84 -13.32 15.39 0.37
C SER G 84 -13.39 14.46 -0.83
N PHE G 85 -13.86 13.23 -0.61
CA PHE G 85 -14.26 12.34 -1.69
C PHE G 85 -15.02 13.07 -2.81
N ILE G 86 -16.13 13.74 -2.45
CA ILE G 86 -16.93 14.31 -3.55
C ILE G 86 -16.17 15.44 -4.26
N LEU G 87 -15.34 16.21 -3.56
CA LEU G 87 -14.61 17.29 -4.27
C LEU G 87 -13.52 16.74 -5.20
N VAL G 88 -12.78 15.73 -4.74
CA VAL G 88 -11.79 15.11 -5.62
C VAL G 88 -12.48 14.51 -6.84
N SER G 89 -13.68 13.94 -6.63
CA SER G 89 -14.46 13.43 -7.76
C SER G 89 -14.83 14.56 -8.71
N SER G 90 -15.15 15.74 -8.17
CA SER G 90 -15.37 16.93 -8.99
C SER G 90 -14.25 17.14 -10.01
N PHE G 91 -13.02 17.31 -9.52
CA PHE G 91 -11.91 17.54 -10.46
C PHE G 91 -11.67 16.36 -11.40
N THR G 92 -11.78 15.12 -10.89
CA THR G 92 -11.58 13.95 -11.75
C THR G 92 -12.56 13.96 -12.93
N VAL G 93 -13.86 14.12 -12.62
CA VAL G 93 -14.88 14.23 -13.64
C VAL G 93 -14.46 15.26 -14.69
N LEU G 94 -14.20 16.49 -14.24
CA LEU G 94 -13.88 17.55 -15.19
C LEU G 94 -12.80 17.13 -16.17
N ASN G 95 -11.59 16.90 -15.64
CA ASN G 95 -10.47 16.74 -16.55
C ASN G 95 -10.68 15.53 -17.46
N LEU G 96 -10.91 14.36 -16.86
CA LEU G 96 -11.01 13.13 -17.65
C LEU G 96 -12.06 13.25 -18.73
N PHE G 97 -13.32 13.45 -18.31
CA PHE G 97 -14.44 13.40 -19.24
C PHE G 97 -14.29 14.44 -20.34
N ILE G 98 -14.21 15.72 -19.96
CA ILE G 98 -14.24 16.78 -20.96
C ILE G 98 -13.07 16.63 -21.93
N GLY G 99 -11.85 16.51 -21.40
CA GLY G 99 -10.70 16.40 -22.27
C GLY G 99 -10.88 15.31 -23.32
N ILE G 100 -11.07 14.07 -22.85
CA ILE G 100 -11.10 12.94 -23.79
C ILE G 100 -12.15 13.16 -24.86
N ILE G 101 -13.40 13.35 -24.45
CA ILE G 101 -14.51 13.31 -25.42
C ILE G 101 -14.39 14.44 -26.42
N ILE G 102 -14.22 15.67 -25.93
CA ILE G 102 -14.26 16.81 -26.83
C ILE G 102 -13.08 16.77 -27.79
N GLU G 103 -11.91 16.32 -27.31
CA GLU G 103 -10.75 16.28 -28.19
C GLU G 103 -10.96 15.29 -29.32
N SER G 104 -11.43 14.08 -28.98
CA SER G 104 -11.69 13.08 -30.00
C SER G 104 -12.58 13.63 -31.10
N MSE G 105 -13.71 14.24 -30.72
CA MSE G 105 -14.64 14.62 -31.78
C MSE G 105 -14.19 15.83 -32.60
O MSE G 105 -14.54 15.97 -33.79
CB MSE G 105 -16.03 14.81 -31.19
CG MSE G 105 -16.58 13.48 -30.67
SE MSE G 105 -18.40 13.48 -30.02
CE MSE G 105 -19.32 13.50 -31.73
N GLN G 106 -13.36 16.69 -32.00
CA GLN G 106 -12.71 17.76 -32.77
C GLN G 106 -11.87 17.18 -33.92
N SER G 107 -10.97 16.26 -33.57
CA SER G 107 -10.15 15.63 -34.62
C SER G 107 -11.00 14.92 -35.67
N ALA G 108 -12.09 14.30 -35.22
CA ALA G 108 -12.99 13.62 -36.16
C ALA G 108 -13.55 14.59 -37.20
N HIS G 109 -14.07 15.73 -36.74
CA HIS G 109 -14.55 16.76 -37.65
C HIS G 109 -13.53 17.02 -38.76
N HIS G 110 -12.30 17.38 -38.35
CA HIS G 110 -11.24 17.65 -39.31
C HIS G 110 -11.13 16.58 -40.40
N ALA G 111 -10.82 15.36 -39.97
CA ALA G 111 -10.46 14.31 -40.92
C ALA G 111 -11.62 13.97 -41.85
N GLU G 112 -12.82 13.83 -41.30
CA GLU G 112 -13.97 13.38 -42.08
C GLU G 112 -14.31 14.39 -43.17
N ASP G 113 -14.33 15.69 -42.83
CA ASP G 113 -14.64 16.69 -43.84
C ASP G 113 -13.61 16.65 -44.97
N GLY G 114 -12.33 16.55 -44.62
CA GLY G 114 -11.31 16.47 -45.67
C GLY G 114 -11.54 15.33 -46.64
N GLU G 115 -11.85 14.14 -46.12
CA GLU G 115 -11.96 12.99 -47.00
C GLU G 115 -13.17 13.10 -47.94
N ARG G 116 -14.28 13.67 -47.47
CA ARG G 116 -15.39 13.82 -48.41
C ARG G 116 -15.08 14.87 -49.49
N THR G 117 -14.27 15.89 -49.16
CA THR G 117 -13.80 16.76 -50.25
C THR G 117 -12.95 16.00 -51.28
N ASP G 118 -12.19 15.00 -50.82
CA ASP G 118 -11.49 14.15 -51.79
C ASP G 118 -12.48 13.43 -52.73
N ALA G 119 -13.63 13.03 -52.20
CA ALA G 119 -14.68 12.54 -53.11
C ALA G 119 -15.03 13.59 -54.18
N TYR G 120 -15.13 14.85 -53.77
CA TYR G 120 -15.34 15.90 -54.79
C TYR G 120 -14.25 15.80 -55.87
N ARG G 121 -13.03 15.47 -55.45
CA ARG G 121 -11.97 15.28 -56.44
C ARG G 121 -12.29 14.15 -57.42
N ASP G 122 -13.01 13.12 -56.96
CA ASP G 122 -13.40 12.11 -57.96
C ASP G 122 -14.35 12.71 -59.00
N GLU G 123 -15.17 13.68 -58.59
CA GLU G 123 -15.95 14.43 -59.59
C GLU G 123 -15.05 15.14 -60.61
N VAL G 124 -13.94 15.72 -60.14
CA VAL G 124 -12.93 16.22 -61.08
C VAL G 124 -12.56 15.15 -62.09
N LEU G 125 -12.36 13.91 -61.60
CA LEU G 125 -12.09 12.80 -62.53
C LEU G 125 -13.19 12.63 -63.57
N ALA G 126 -14.44 12.88 -63.20
CA ALA G 126 -15.53 12.75 -64.19
C ALA G 126 -15.39 13.77 -65.32
N ARG G 127 -15.13 15.03 -64.97
CA ARG G 127 -14.92 16.00 -66.04
C ARG G 127 -13.75 15.59 -66.93
N LEU G 128 -12.65 15.15 -66.32
CA LEU G 128 -11.55 14.69 -67.14
C LEU G 128 -11.85 13.38 -67.86
N GLU G 129 -12.90 12.66 -67.47
CA GLU G 129 -13.43 11.61 -68.34
C GLU G 129 -13.79 12.20 -69.69
N GLN G 130 -14.71 13.15 -69.69
CA GLN G 130 -15.10 13.68 -71.01
C GLN G 130 -14.43 14.98 -71.43
N ILE G 131 -13.15 15.18 -71.17
CA ILE G 131 -12.47 15.98 -72.19
C ILE G 131 -11.62 15.13 -73.14
N ASP G 132 -10.57 14.50 -72.62
CA ASP G 132 -9.52 13.95 -73.47
C ASP G 132 -9.66 12.47 -73.78
N GLN G 133 -10.60 11.77 -73.14
CA GLN G 133 -10.77 10.36 -73.41
C GLN G 133 -11.75 10.09 -74.54
N ARG G 134 -12.66 11.03 -74.83
CA ARG G 134 -13.69 10.87 -75.84
C ARG G 134 -13.73 12.14 -76.69
N LEU G 135 -13.09 12.10 -77.85
CA LEU G 135 -13.04 13.25 -78.76
C LEU G 135 -14.18 13.23 -79.76
N ASN G 136 -14.22 12.17 -80.58
CA ASN G 136 -15.22 12.01 -81.65
C ASN G 136 -15.20 13.20 -82.62
N LEU H 8 -3.62 34.08 -37.38
CA LEU H 8 -2.19 33.77 -37.30
C LEU H 8 -1.40 34.92 -36.68
N ARG H 9 -2.03 35.65 -35.75
CA ARG H 9 -1.44 36.86 -35.16
C ARG H 9 -1.95 36.96 -33.73
N ALA H 10 -1.08 36.71 -32.74
CA ALA H 10 -1.53 36.69 -31.35
C ALA H 10 -0.47 37.16 -30.36
N ILE H 11 0.39 38.10 -30.76
CA ILE H 11 1.53 38.55 -29.96
C ILE H 11 1.13 39.58 -28.88
N PRO H 12 0.21 40.54 -29.18
CA PRO H 12 -0.29 41.41 -28.09
C PRO H 12 -0.81 40.58 -26.92
N GLY H 13 -1.19 39.34 -27.22
CA GLY H 13 -1.39 38.33 -26.20
C GLY H 13 -0.21 38.27 -25.25
N ILE H 14 0.99 38.05 -25.79
CA ILE H 14 2.20 38.02 -24.97
C ILE H 14 2.34 39.32 -24.18
N ALA H 15 2.00 40.44 -24.79
CA ALA H 15 2.12 41.73 -24.10
C ALA H 15 1.27 41.76 -22.83
N TRP H 16 -0.04 41.59 -22.97
CA TRP H 16 -0.88 41.64 -21.78
C TRP H 16 -0.63 40.45 -20.85
N ILE H 17 -0.02 39.36 -21.34
CA ILE H 17 0.39 38.29 -20.45
C ILE H 17 1.49 38.75 -19.51
N ALA H 18 2.49 39.47 -20.04
CA ALA H 18 3.50 40.06 -19.16
C ALA H 18 2.87 41.01 -18.15
N LEU H 19 1.88 41.79 -18.60
CA LEU H 19 1.15 42.65 -17.69
C LEU H 19 0.54 41.85 -16.54
N LEU H 20 -0.17 40.77 -16.87
CA LEU H 20 -0.81 39.94 -15.86
C LEU H 20 0.22 39.28 -14.94
N LEU H 21 1.39 38.94 -15.49
CA LEU H 21 2.50 38.45 -14.66
C LEU H 21 2.84 39.43 -13.56
N LEU H 22 3.08 40.69 -13.93
CA LEU H 22 3.40 41.69 -12.92
C LEU H 22 2.27 41.83 -11.90
N VAL H 23 1.02 41.78 -12.38
CA VAL H 23 -0.13 41.92 -11.48
C VAL H 23 -0.13 40.82 -10.43
N ILE H 24 0.01 39.56 -10.86
CA ILE H 24 -0.08 38.45 -9.91
C ILE H 24 1.14 38.43 -8.98
N PHE H 25 2.29 38.87 -9.47
CA PHE H 25 3.44 39.07 -8.59
C PHE H 25 3.07 40.00 -7.44
N TYR H 26 2.53 41.19 -7.77
CA TYR H 26 2.06 42.10 -6.74
C TYR H 26 1.05 41.45 -5.80
N VAL H 27 0.13 40.67 -6.36
CA VAL H 27 -0.94 40.06 -5.56
C VAL H 27 -0.34 39.20 -4.46
N PHE H 28 0.45 38.19 -4.83
CA PHE H 28 1.02 37.33 -3.80
C PHE H 28 2.05 38.05 -2.93
N ALA H 29 2.72 39.07 -3.46
CA ALA H 29 3.60 39.87 -2.62
C ALA H 29 2.82 40.47 -1.44
N VAL H 30 1.75 41.20 -1.74
CA VAL H 30 1.00 41.83 -0.66
C VAL H 30 0.29 40.80 0.20
N MSE H 31 -0.09 39.66 -0.36
CA MSE H 31 -0.66 38.60 0.48
C MSE H 31 0.39 38.12 1.48
O MSE H 31 0.08 37.75 2.61
CB MSE H 31 -1.18 37.43 -0.35
CG MSE H 31 -1.85 36.36 0.51
SE MSE H 31 -2.83 35.00 -0.47
CE MSE H 31 -3.34 33.85 1.03
N GLY H 32 1.65 38.13 1.04
CA GLY H 32 2.76 37.89 1.96
C GLY H 32 3.05 39.04 2.91
N THR H 33 2.52 40.23 2.63
CA THR H 33 2.71 41.37 3.52
C THR H 33 1.61 41.53 4.56
N LYS H 34 0.55 40.74 4.50
CA LYS H 34 -0.58 40.90 5.41
C LYS H 34 -0.84 39.68 6.27
N LEU H 35 -0.92 38.49 5.66
CA LEU H 35 -1.32 37.31 6.42
C LEU H 35 -0.27 36.95 7.46
N PHE H 36 0.97 36.74 7.03
CA PHE H 36 2.12 36.68 7.92
C PHE H 36 2.93 37.94 7.68
N ALA H 37 2.76 38.93 8.55
CA ALA H 37 3.64 40.09 8.61
C ALA H 37 4.15 40.38 10.01
N GLN H 38 3.31 40.19 11.04
CA GLN H 38 3.71 40.47 12.41
C GLN H 38 4.51 39.33 13.01
N SER H 39 4.15 38.09 12.68
CA SER H 39 4.73 36.95 13.37
C SER H 39 6.19 36.71 12.96
N PHE H 40 6.54 36.98 11.71
CA PHE H 40 7.89 36.69 11.25
C PHE H 40 8.71 37.96 11.24
N PRO H 41 9.77 38.07 12.04
CA PRO H 41 10.68 39.21 11.93
C PRO H 41 11.68 39.07 10.79
N GLU H 42 11.55 38.00 10.01
CA GLU H 42 12.44 37.78 8.86
C GLU H 42 12.45 38.98 7.93
N TRP H 43 11.27 39.47 7.54
CA TRP H 43 11.15 40.76 6.88
C TRP H 43 9.93 41.49 7.45
N PHE H 44 9.91 41.71 8.78
CA PHE H 44 8.77 42.33 9.46
C PHE H 44 8.05 43.39 8.64
N GLY H 45 8.79 44.32 8.04
CA GLY H 45 8.18 45.31 7.16
C GLY H 45 8.19 44.97 5.69
N THR H 46 7.49 43.90 5.29
CA THR H 46 7.41 43.53 3.88
C THR H 46 6.58 44.49 3.04
N LEU H 47 6.06 45.57 3.63
CA LEU H 47 5.15 46.45 2.91
C LEU H 47 5.71 46.92 1.57
N GLY H 48 7.03 47.06 1.46
CA GLY H 48 7.62 47.53 0.23
C GLY H 48 8.77 46.69 -0.30
N ALA H 49 9.03 45.54 0.31
CA ALA H 49 10.15 44.70 -0.11
C ALA H 49 9.82 43.21 -0.08
N SER H 50 8.55 42.84 0.05
CA SER H 50 8.14 41.49 -0.32
C SER H 50 8.63 41.14 -1.71
N MSE H 51 8.82 42.15 -2.56
CA MSE H 51 9.52 41.98 -3.83
C MSE H 51 10.89 41.36 -3.62
O MSE H 51 11.20 40.33 -4.20
CB MSE H 51 9.67 43.33 -4.54
CG MSE H 51 8.37 43.95 -5.01
SE MSE H 51 8.67 45.59 -6.01
CE MSE H 51 9.13 46.77 -4.53
N TYR H 52 11.73 41.99 -2.78
CA TYR H 52 13.02 41.41 -2.45
C TYR H 52 12.89 39.96 -1.98
N THR H 53 12.03 39.74 -0.98
CA THR H 53 11.92 38.41 -0.40
C THR H 53 11.56 37.37 -1.46
N LEU H 54 10.53 37.67 -2.26
CA LEU H 54 9.97 36.66 -3.16
C LEU H 54 10.82 36.49 -4.42
N PHE H 55 11.31 37.60 -5.00
CA PHE H 55 12.38 37.55 -6.00
C PHE H 55 13.51 36.62 -5.58
N GLN H 56 13.95 36.72 -4.32
CA GLN H 56 14.95 35.77 -3.86
C GLN H 56 14.39 34.35 -3.86
N VAL H 57 13.19 34.17 -3.29
CA VAL H 57 12.51 32.88 -3.21
C VAL H 57 12.44 32.21 -4.58
N MSE H 58 12.62 33.00 -5.64
CA MSE H 58 12.62 32.45 -6.99
C MSE H 58 13.82 31.53 -7.27
O MSE H 58 14.71 31.90 -8.04
CB MSE H 58 12.64 33.57 -8.03
CG MSE H 58 11.46 34.53 -7.97
SE MSE H 58 9.84 33.51 -8.17
CE MSE H 58 8.57 34.94 -8.51
N THR H 59 13.81 30.34 -6.67
CA THR H 59 14.81 29.28 -6.85
C THR H 59 16.23 29.82 -7.05
N LEU H 60 16.58 30.85 -6.28
CA LEU H 60 17.85 31.56 -6.46
C LEU H 60 18.90 30.93 -5.55
N GLU H 61 19.91 30.33 -6.15
CA GLU H 61 21.07 29.78 -5.44
C GLU H 61 20.68 28.64 -4.50
N SER H 62 19.50 28.06 -4.69
CA SER H 62 18.99 26.91 -3.94
C SER H 62 18.84 27.19 -2.44
N TRP H 63 18.86 28.46 -2.03
CA TRP H 63 18.76 28.80 -0.62
C TRP H 63 17.51 29.59 -0.27
N SER H 64 16.78 30.09 -1.26
CA SER H 64 15.66 30.98 -0.95
C SER H 64 14.29 30.29 -0.97
N MSE H 65 14.17 29.13 -1.60
CA MSE H 65 13.17 28.16 -1.20
C MSE H 65 13.39 27.92 0.30
O MSE H 65 12.45 27.87 1.18
CB MSE H 65 13.31 26.90 -2.05
CG MSE H 65 14.74 26.37 -2.12
SE MSE H 65 15.00 24.81 -3.28
CE MSE H 65 14.38 23.43 -2.07
N GLY H 66 14.68 27.85 0.62
CA GLY H 66 15.08 27.96 1.99
C GLY H 66 14.36 29.15 2.59
N ILE H 67 14.69 30.38 2.22
CA ILE H 67 14.19 31.56 2.95
C ILE H 67 12.66 31.67 2.87
N ALA H 68 12.03 30.76 2.14
CA ALA H 68 10.61 30.49 2.30
C ALA H 68 10.31 29.65 3.52
N ARG H 69 11.33 29.01 4.09
CA ARG H 69 11.29 28.40 5.45
C ARG H 69 10.46 29.10 6.56
N PRO H 70 10.45 30.44 6.73
CA PRO H 70 9.58 30.99 7.78
C PRO H 70 8.12 30.68 7.53
N VAL H 71 7.85 29.93 6.46
CA VAL H 71 6.61 29.20 6.29
C VAL H 71 6.67 27.84 6.97
N ILE H 72 7.84 27.20 7.01
CA ILE H 72 8.00 26.03 7.88
C ILE H 72 7.62 26.42 9.31
N GLU H 73 7.71 27.72 9.63
CA GLU H 73 7.05 28.21 10.85
C GLU H 73 5.62 27.67 10.98
N ALA H 74 4.77 27.95 10.00
CA ALA H 74 3.39 27.45 9.95
C ALA H 74 3.21 26.69 8.64
N TYR H 75 3.60 25.41 8.65
CA TYR H 75 3.75 24.59 7.46
C TYR H 75 2.42 24.10 6.85
N PRO H 76 1.44 23.67 7.65
CA PRO H 76 0.17 23.24 7.03
C PRO H 76 -0.60 24.36 6.36
N TRP H 77 -0.52 25.58 6.88
CA TRP H 77 -1.36 26.69 6.42
C TRP H 77 -0.67 27.63 5.43
N ALA H 78 0.63 27.89 5.57
CA ALA H 78 1.29 28.91 4.78
C ALA H 78 2.12 28.35 3.63
N TRP H 79 2.07 27.03 3.40
CA TRP H 79 2.87 26.37 2.37
C TRP H 79 2.52 26.93 0.98
N ILE H 80 1.58 27.88 1.00
CA ILE H 80 1.00 28.46 -0.21
C ILE H 80 1.94 29.43 -0.91
N TYR H 81 3.04 29.87 -0.29
CA TYR H 81 3.97 30.74 -1.01
C TYR H 81 4.85 29.94 -1.96
N PHE H 82 5.40 28.84 -1.46
CA PHE H 82 6.07 27.87 -2.31
C PHE H 82 5.12 27.37 -3.40
N VAL H 83 3.94 26.91 -2.97
CA VAL H 83 2.90 26.52 -3.93
C VAL H 83 2.50 27.68 -4.84
N SER H 84 2.72 28.92 -4.40
CA SER H 84 2.32 30.09 -5.17
C SER H 84 3.25 30.32 -6.35
N PHE H 85 4.56 30.23 -6.12
CA PHE H 85 5.45 30.25 -7.28
C PHE H 85 5.15 29.08 -8.19
N ILE H 86 4.83 27.92 -7.62
CA ILE H 86 4.40 26.79 -8.45
C ILE H 86 3.24 27.20 -9.37
N LEU H 87 2.20 27.79 -8.77
CA LEU H 87 0.99 28.17 -9.51
C LEU H 87 1.30 29.19 -10.59
N VAL H 88 2.05 30.24 -10.23
CA VAL H 88 2.39 31.31 -11.17
C VAL H 88 3.11 30.73 -12.37
N SER H 89 4.23 30.03 -12.13
CA SER H 89 4.99 29.44 -13.22
C SER H 89 4.10 28.57 -14.09
N SER H 90 3.36 27.65 -13.47
CA SER H 90 2.54 26.72 -14.23
C SER H 90 1.59 27.47 -15.16
N PHE H 91 0.64 28.21 -14.60
CA PHE H 91 -0.39 28.84 -15.42
C PHE H 91 0.26 29.70 -16.51
N THR H 92 1.09 30.66 -16.10
CA THR H 92 1.58 31.65 -17.05
C THR H 92 2.45 31.00 -18.13
N VAL H 93 3.56 30.37 -17.72
CA VAL H 93 4.50 29.83 -18.70
C VAL H 93 3.82 28.80 -19.58
N LEU H 94 3.18 27.80 -18.98
CA LEU H 94 2.43 26.77 -19.67
C LEU H 94 1.51 27.32 -20.76
N ASN H 95 0.53 28.14 -20.36
CA ASN H 95 -0.46 28.63 -21.33
C ASN H 95 0.20 29.48 -22.41
N LEU H 96 0.95 30.51 -22.00
CA LEU H 96 1.65 31.37 -22.96
C LEU H 96 2.38 30.55 -24.02
N PHE H 97 3.34 29.74 -23.58
CA PHE H 97 4.25 29.06 -24.48
C PHE H 97 3.49 28.18 -25.46
N ILE H 98 2.64 27.29 -24.92
CA ILE H 98 1.97 26.34 -25.79
C ILE H 98 1.04 27.06 -26.76
N GLY H 99 0.20 27.98 -26.26
CA GLY H 99 -0.76 28.64 -27.13
C GLY H 99 -0.11 29.38 -28.30
N ILE H 100 1.04 30.03 -28.04
CA ILE H 100 1.71 30.70 -29.16
C ILE H 100 2.16 29.67 -30.20
N ILE H 101 2.71 28.55 -29.75
CA ILE H 101 3.07 27.50 -30.71
C ILE H 101 1.85 27.03 -31.50
N ILE H 102 0.67 27.04 -30.87
CA ILE H 102 -0.52 26.55 -31.57
C ILE H 102 -0.93 27.55 -32.64
N GLU H 103 -0.76 28.84 -32.37
CA GLU H 103 -1.00 29.84 -33.41
C GLU H 103 -0.10 29.59 -34.62
N SER H 104 1.15 29.17 -34.36
CA SER H 104 2.01 28.79 -35.47
C SER H 104 1.41 27.63 -36.28
N MSE H 105 0.87 26.62 -35.60
CA MSE H 105 0.32 25.49 -36.38
C MSE H 105 -0.91 25.93 -37.22
O MSE H 105 -1.19 25.38 -38.30
CB MSE H 105 -0.06 24.29 -35.49
CG MSE H 105 -1.37 24.40 -34.73
SE MSE H 105 -1.89 22.71 -33.92
CE MSE H 105 -2.58 21.82 -35.52
N GLN H 106 -1.64 26.92 -36.69
CA GLN H 106 -2.70 27.56 -37.48
C GLN H 106 -2.15 28.08 -38.81
N SER H 107 -1.04 28.82 -38.73
CA SER H 107 -0.40 29.32 -39.95
C SER H 107 -0.08 28.16 -40.92
N ALA H 108 0.39 27.04 -40.37
CA ALA H 108 0.73 25.89 -41.22
C ALA H 108 -0.48 25.40 -42.01
N HIS H 109 -1.60 25.16 -41.32
CA HIS H 109 -2.87 24.87 -41.99
C HIS H 109 -3.15 25.82 -43.14
N HIS H 110 -3.21 27.12 -42.85
CA HIS H 110 -3.52 28.08 -43.90
C HIS H 110 -2.68 27.85 -45.14
N ALA H 111 -1.35 27.83 -44.98
CA ALA H 111 -0.47 27.71 -46.13
C ALA H 111 -0.80 26.49 -46.99
N GLU H 112 -0.69 25.30 -46.39
CA GLU H 112 -0.76 24.10 -47.23
C GLU H 112 -2.16 23.90 -47.82
N ASP H 113 -3.21 24.12 -47.03
CA ASP H 113 -4.54 23.82 -47.55
C ASP H 113 -4.95 24.86 -48.60
N GLY H 114 -4.43 26.10 -48.51
CA GLY H 114 -4.64 27.04 -49.59
C GLY H 114 -3.99 26.61 -50.89
N GLU H 115 -2.78 26.03 -50.81
CA GLU H 115 -2.19 25.47 -52.03
C GLU H 115 -3.09 24.40 -52.65
N ARG H 116 -3.72 23.58 -51.81
CA ARG H 116 -4.65 22.59 -52.36
C ARG H 116 -5.85 23.26 -53.06
N THR H 117 -6.37 24.35 -52.48
CA THR H 117 -7.43 25.06 -53.20
C THR H 117 -6.94 25.69 -54.51
N ASP H 118 -5.65 25.94 -54.64
CA ASP H 118 -5.22 26.35 -55.98
C ASP H 118 -5.11 25.15 -56.94
N ALA H 119 -4.95 23.94 -56.42
CA ALA H 119 -5.33 22.80 -57.27
C ALA H 119 -6.80 22.90 -57.69
N TYR H 120 -7.62 23.52 -56.86
CA TYR H 120 -8.99 23.74 -57.35
C TYR H 120 -8.99 24.75 -58.52
N ARG H 121 -8.04 25.70 -58.51
CA ARG H 121 -7.82 26.49 -59.72
C ARG H 121 -7.55 25.59 -60.95
N ASP H 122 -6.82 24.50 -60.73
CA ASP H 122 -6.71 23.50 -61.79
C ASP H 122 -8.10 23.01 -62.25
N GLU H 123 -9.00 22.82 -61.29
CA GLU H 123 -10.41 22.58 -61.67
C GLU H 123 -10.93 23.63 -62.67
N VAL H 124 -10.63 24.90 -62.41
CA VAL H 124 -11.05 25.96 -63.34
C VAL H 124 -10.55 25.64 -64.75
N LEU H 125 -9.26 25.31 -64.84
CA LEU H 125 -8.72 24.84 -66.12
C LEU H 125 -9.62 23.77 -66.74
N ALA H 126 -10.10 22.83 -65.92
CA ALA H 126 -10.85 21.68 -66.43
C ALA H 126 -12.14 22.13 -67.08
N ARG H 127 -12.83 23.01 -66.38
CA ARG H 127 -13.97 23.71 -66.92
C ARG H 127 -13.73 24.20 -68.33
N LEU H 128 -12.79 25.14 -68.45
CA LEU H 128 -12.47 25.74 -69.75
C LEU H 128 -12.18 24.69 -70.84
N GLU H 129 -11.35 23.71 -70.53
CA GLU H 129 -10.99 22.74 -71.57
C GLU H 129 -12.08 21.70 -71.83
N GLN H 130 -13.18 21.73 -71.08
CA GLN H 130 -14.38 21.02 -71.53
C GLN H 130 -15.27 21.87 -72.43
N ILE H 131 -15.31 23.20 -72.22
CA ILE H 131 -16.33 24.01 -72.90
C ILE H 131 -16.21 23.91 -74.43
N ASP H 132 -15.09 24.37 -74.99
CA ASP H 132 -15.00 24.59 -76.43
C ASP H 132 -14.05 23.64 -77.16
N GLN H 133 -13.50 22.64 -76.48
CA GLN H 133 -12.64 21.68 -77.18
C GLN H 133 -13.40 20.89 -78.23
N ARG H 134 -14.68 20.63 -78.00
CA ARG H 134 -15.45 19.63 -78.74
C ARG H 134 -16.80 20.20 -79.18
N LEU H 135 -16.78 21.36 -79.84
CA LEU H 135 -18.00 21.98 -80.35
C LEU H 135 -18.89 20.97 -81.07
O1 PE4 I . -0.78 -53.53 18.01
C1 PE4 I . -0.08 -52.99 16.92
C2 PE4 I . 1.41 -52.91 17.25
O2 PE4 I . 2.12 -52.50 16.12
C3 PE4 I . 3.32 -53.19 15.92
C4 PE4 I . 4.46 -52.47 16.63
O3 PE4 I . 5.65 -52.70 15.95
C5 PE4 I . 6.48 -51.57 15.82
C6 PE4 I . 7.66 -51.91 14.93
O4 PE4 I . 8.49 -50.78 14.80
C7 PE4 I . 8.73 -50.40 13.47
C8 PE4 I . 9.54 -49.12 13.45
O5 PE4 I . 9.68 -48.67 12.13
C9 PE4 I . 10.99 -48.32 11.78
C10 PE4 I . 10.97 -47.58 10.44
O6 PE4 I . 9.95 -46.64 10.45
C11 PE4 I . 10.18 -45.55 11.29
C12 PE4 I . 8.90 -44.73 11.47
O7 PE4 I . 8.28 -45.10 12.66
C13 PE4 I . 7.10 -44.41 12.95
C14 PE4 I . 6.14 -44.48 11.77
O8 PE4 I . 4.84 -44.70 12.25
C15 PE4 I . 4.18 -43.54 12.66
C16 PE4 I . 3.77 -42.71 11.45
O1 PE4 J . 25.84 -36.78 -3.13
C1 PE4 J . 25.76 -37.34 -4.41
C2 PE4 J . 26.75 -36.62 -5.33
O2 PE4 J . 26.79 -37.28 -6.57
C3 PE4 J . 28.08 -37.42 -7.09
C4 PE4 J . 28.01 -38.18 -8.41
O3 PE4 J . 29.23 -38.82 -8.65
C5 PE4 J . 29.10 -40.00 -9.40
C6 PE4 J . 28.43 -41.07 -8.55
O4 PE4 J . 27.23 -41.46 -9.14
C7 PE4 J . 26.16 -41.62 -8.25
C8 PE4 J . 26.38 -42.89 -7.43
O5 PE4 J . 25.33 -43.06 -6.52
C9 PE4 J . 24.81 -44.36 -6.52
C10 PE4 J . 23.96 -44.56 -5.27
O6 PE4 J . 23.01 -45.55 -5.50
C11 PE4 J . 21.97 -45.56 -4.57
C12 PE4 J . 20.83 -46.43 -5.09
O7 PE4 J . 19.94 -46.70 -4.03
C13 PE4 J . 19.03 -45.67 -3.79
C14 PE4 J . 18.91 -45.46 -2.28
O8 PE4 J . 20.18 -45.27 -1.72
C15 PE4 J . 20.37 -44.01 -1.15
C16 PE4 J . 21.78 -43.92 -0.55
O1 PE4 K . 26.88 -52.79 2.74
C1 PE4 K . 26.63 -51.65 1.98
C2 PE4 K . 26.33 -50.47 2.91
O2 PE4 K . 26.19 -49.30 2.16
C3 PE4 K . 25.03 -48.57 2.46
C4 PE4 K . 24.52 -47.89 1.20
O3 PE4 K . 23.15 -47.64 1.30
C5 PE4 K . 22.37 -48.79 1.46
C6 PE4 K . 22.38 -49.61 0.17
O4 PE4 K . 21.82 -50.86 0.42
C7 PE4 K . 22.52 -51.63 1.34
C8 PE4 K . 21.59 -52.70 1.92
O5 PE4 K . 22.03 -53.04 3.21
C9 PE4 K . 21.47 -52.24 4.22
C10 PE4 K . 19.98 -52.58 4.39
O6 PE4 K . 19.30 -51.46 4.86
C11 PE4 K . 18.27 -51.76 5.76
C12 PE4 K . 17.81 -50.50 6.48
O7 PE4 K . 16.84 -50.83 7.43
C13 PE4 K . 16.47 -49.77 8.26
C14 PE4 K . 15.52 -50.28 9.35
O8 PE4 K . 15.32 -49.29 10.30
C15 PE4 K . 15.40 -49.75 11.62
C16 PE4 K . 14.70 -48.77 12.55
O1 PE4 L . 14.33 -33.39 -5.38
C1 PE4 L . 13.27 -34.28 -5.55
C2 PE4 L . 11.94 -33.54 -5.34
O2 PE4 L . 11.80 -32.54 -6.30
C3 PE4 L . 11.44 -31.30 -5.77
C4 PE4 L . 12.70 -30.52 -5.40
O3 PE4 L . 12.37 -29.44 -4.58
C5 PE4 L . 12.37 -28.20 -5.23
C6 PE4 L . 11.84 -27.12 -4.29
O4 PE4 L . 11.85 -25.89 -4.93
C7 PE4 L . 10.63 -25.21 -4.85
C8 PE4 L . 10.82 -23.73 -5.19
O5 PE4 L . 9.76 -23.29 -6.00
C9 PE4 L . 8.49 -23.49 -5.45
C10 PE4 L . 7.56 -24.09 -6.49
O6 PE4 L . 6.80 -25.12 -5.91
C11 PE4 L . 5.75 -25.58 -6.72
C12 PE4 L . 4.43 -25.05 -6.17
O7 PE4 L . 3.47 -25.05 -7.19
C13 PE4 L . 2.71 -23.86 -7.24
C14 PE4 L . 3.62 -22.69 -7.59
O8 PE4 L . 3.08 -21.51 -7.07
C15 PE4 L . 3.98 -20.44 -7.05
C16 PE4 L . 3.29 -19.19 -6.52
C1 D12 M . 8.53 -7.35 -2.37
C2 D12 M . 7.20 -8.08 -2.22
C3 D12 M . 6.08 -7.22 -2.79
C4 D12 M . 4.73 -7.81 -2.40
C5 D12 M . 3.62 -6.83 -2.73
C6 D12 M . 2.36 -7.19 -1.93
C7 D12 M . 1.21 -6.27 -2.30
C8 D12 M . 1.42 -4.90 -1.69
C9 D12 M . 0.12 -4.10 -1.77
C10 D12 M . 0.35 -2.66 -1.32
C11 D12 M . -0.96 -1.89 -1.40
C12 D12 M . -0.71 -0.41 -1.08
O1 PE4 N . -3.90 -26.79 19.00
C1 PE4 N . -4.93 -27.21 18.15
C2 PE4 N . -6.17 -26.35 18.40
O2 PE4 N . -5.91 -25.03 18.02
C3 PE4 N . -5.77 -24.15 19.10
C4 PE4 N . -5.14 -22.84 18.61
O3 PE4 N . -4.96 -21.97 19.69
C5 PE4 N . -5.23 -20.63 19.39
C6 PE4 N . -6.27 -20.11 20.37
O4 PE4 N . -7.48 -20.80 20.16
C7 PE4 N . -8.12 -21.18 21.33
C8 PE4 N . -9.63 -21.33 21.05
O5 PE4 N . -10.19 -22.23 21.97
C9 PE4 N . -9.87 -23.57 21.71
C10 PE4 N . -10.60 -24.02 20.44
O6 PE4 N . -9.65 -24.41 19.49
C11 PE4 N . -10.19 -25.09 18.40
C12 PE4 N . -9.34 -24.85 17.16
O7 PE4 N . -9.78 -25.67 16.12
C13 PE4 N . -11.08 -25.39 15.68
C14 PE4 N . -11.48 -26.34 14.56
O8 PE4 N . -12.86 -26.29 14.39
C15 PE4 N . -13.28 -25.44 13.37
C16 PE4 N . -14.78 -25.19 13.49
O1 PE4 O . 13.59 -11.44 9.18
C1 PE4 O . 13.67 -12.60 8.39
C2 PE4 O . 14.97 -12.59 7.59
O2 PE4 O . 15.09 -13.81 6.92
C3 PE4 O . 15.32 -13.68 5.55
C4 PE4 O . 14.79 -14.92 4.83
O3 PE4 O . 13.45 -15.11 5.18
C5 PE4 O . 12.77 -16.01 4.34
C6 PE4 O . 11.32 -16.14 4.82
O4 PE4 O . 10.55 -16.74 3.81
C7 PE4 O . 10.46 -16.00 2.63
C8 PE4 O . 9.97 -16.90 1.50
O5 PE4 O . 10.08 -16.22 0.29
C9 PE4 O . 10.44 -17.04 -0.78
C10 PE4 O . 10.14 -16.33 -2.11
O6 PE4 O . 10.68 -17.06 -3.17
C11 PE4 O . 9.73 -17.78 -3.91
C12 PE4 O . 8.70 -16.82 -4.49
O7 PE4 O . 7.65 -17.55 -5.04
C13 PE4 O . 6.44 -17.45 -4.32
C14 PE4 O . 6.01 -15.99 -4.24
O8 PE4 O . 4.91 -15.88 -3.39
C15 PE4 O . 4.70 -14.60 -2.87
C16 PE4 O . 5.84 -14.26 -1.89
O1 PE4 P . -13.81 -20.16 19.72
C1 PE4 P . -13.72 -18.99 20.49
C2 PE4 P . -15.12 -18.43 20.73
O2 PE4 P . -15.06 -17.34 21.60
C3 PE4 P . -16.28 -16.67 21.74
C4 PE4 P . -16.36 -16.03 23.13
O3 PE4 P . -15.29 -15.15 23.31
C5 PE4 P . -15.21 -14.61 24.59
C6 PE4 P . -16.37 -13.65 24.81
O4 PE4 P . -16.43 -13.28 26.16
C7 PE4 P . -17.32 -12.23 26.44
C8 PE4 P . -18.76 -12.71 26.23
O5 PE4 P . -19.61 -11.92 27.01
C9 PE4 P . -19.59 -10.56 26.67
C10 PE4 P . -20.57 -9.79 27.56
O6 PE4 P . -21.37 -8.96 26.75
C11 PE4 P . -22.61 -9.52 26.43
C12 PE4 P . -23.36 -9.92 27.70
O7 PE4 P . -23.97 -11.16 27.52
C13 PE4 P . -23.22 -12.24 28.01
C14 PE4 P . -23.86 -12.75 29.30
O8 PE4 P . -23.59 -11.86 30.35
C15 PE4 P . -24.73 -11.21 30.83
C16 PE4 P . -24.30 -9.92 31.55
C1 D12 Q . 5.24 53.03 1.23
C2 D12 Q . 4.34 51.95 0.65
C3 D12 Q . 2.89 52.23 1.03
C4 D12 Q . 2.01 51.08 0.56
C5 D12 Q . 0.54 51.40 0.86
C6 D12 Q . -0.35 50.24 0.43
C7 D12 Q . -0.33 49.15 1.52
C8 D12 Q . -1.21 47.97 1.07
C9 D12 Q . -2.65 48.44 0.92
C10 D12 Q . -3.50 47.29 0.38
C11 D12 Q . -4.22 46.58 1.52
C12 D12 Q . -5.73 46.78 1.36
C1 OCT R . -25.72 26.59 -5.92
C2 OCT R . -25.58 25.07 -6.02
C3 OCT R . -25.16 24.50 -4.65
C4 OCT R . -25.02 22.99 -4.77
C5 OCT R . -24.88 22.38 -3.37
C6 OCT R . -23.43 22.44 -2.92
C7 OCT R . -23.23 21.55 -1.70
C8 OCT R . -21.77 21.59 -1.25
O37 12P S . -19.49 39.26 -30.89
C36 12P S . -18.56 40.07 -30.20
C35 12P S . -18.54 39.68 -28.72
O34 12P S . -17.43 40.27 -28.11
C33 12P S . -17.73 41.04 -26.99
C32 12P S . -16.58 42.00 -26.71
O31 12P S . -16.70 42.52 -25.42
C30 12P S . -17.32 43.78 -25.37
C29 12P S . -17.76 44.07 -23.94
O28 12P S . -18.39 45.31 -23.89
C27 12P S . -19.44 45.38 -22.97
C26 12P S . -20.02 46.79 -22.94
O25 12P S . -21.34 46.75 -22.48
C24 12P S . -22.12 47.83 -22.92
C23 12P S . -23.23 48.11 -21.91
O22 12P S . -22.72 48.02 -20.60
C21 12P S . -21.84 49.05 -20.26
C20 12P S . -20.60 48.46 -19.60
O19 12P S . -19.53 49.35 -19.69
C18 12P S . -18.28 48.75 -19.49
C17 12P S . -17.18 49.78 -19.66
O16 12P S . -16.02 49.34 -19.00
C15 12P S . -15.50 50.27 -18.10
C14 12P S . -16.21 50.13 -16.75
O13 12P S . -16.36 51.41 -16.17
C12 12P S . -16.48 51.40 -14.78
C11 12P S . -17.83 51.99 -14.40
O10 12P S . -17.99 51.93 -13.01
C9 12P S . -18.77 50.84 -12.56
C8 12P S . -19.21 51.09 -11.12
O7 12P S . -19.29 49.88 -10.43
C6 12P S . -20.58 49.36 -10.35
C5 12P S . -20.69 48.46 -9.12
O4 12P S . -20.25 49.16 -7.98
C3 12P S . -21.22 50.02 -7.46
C2 12P S . -20.60 51.40 -7.22
O1 12P S . -21.62 52.37 -7.14
O37 12P T . -28.34 37.13 -14.16
C36 12P T . -27.95 37.20 -12.82
C35 12P T . -28.58 36.05 -12.04
O34 12P T . -28.15 36.10 -10.70
C33 12P T . -28.58 35.02 -9.94
C32 12P T . -27.96 35.11 -8.54
O31 12P T . -28.59 34.20 -7.69
C30 12P T . -28.80 34.68 -6.39
C29 12P T . -28.79 33.50 -5.42
O28 12P T . -27.47 33.09 -5.18
C27 12P T . -27.27 31.72 -5.37
C26 12P T . -27.01 31.44 -6.85
O25 12P T . -27.00 30.06 -7.08
C24 12P T . -28.01 29.63 -7.96
C23 12P T . -27.54 28.39 -8.71
O22 12P T . -28.47 28.07 -9.69
C21 12P T . -27.99 28.27 -10.99
C20 12P T . -28.94 27.61 -12.00
O19 12P T . -28.58 28.00 -13.29
C18 12P T . -29.10 27.19 -14.31
C17 12P T . -28.48 27.60 -15.64
O16 12P T . -29.08 26.89 -16.68
C15 12P T . -28.22 25.98 -17.32
C14 12P T . -28.99 25.27 -18.43
O13 12P T . -28.21 24.22 -18.93
C12 12P T . -28.68 22.96 -18.59
C11 12P T . -27.50 22.05 -18.21
O10 12P T . -27.94 21.05 -17.34
C9 12P T . -27.06 19.97 -17.23
C8 12P T . -27.36 19.19 -15.96
O7 12P T . -26.68 17.97 -15.98
C6 12P T . -27.27 17.01 -16.81
C5 12P T . -26.39 15.76 -16.87
O4 12P T . -26.24 15.35 -18.20
C3 12P T . -24.94 14.96 -18.54
C2 12P T . -24.94 14.38 -19.95
O1 12P T . -23.61 14.29 -20.41
OH2 1PE U . 36.78 -61.35 31.37
C12 1PE U . 37.00 -62.71 31.13
C22 1PE U . 36.75 -63.50 32.41
OH3 1PE U . 36.72 -64.87 32.12
C13 1PE U . 35.68 -66.65 30.91
C23 1PE U . 35.49 -65.31 31.63
OH4 1PE U . 34.47 -67.02 30.32
C14 1PE U . 33.06 -67.15 28.39
C24 1PE U . 34.49 -66.97 28.92
OH5 1PE U . 33.11 -67.23 26.99
C15 1PE U . 32.21 -68.06 24.93
C25 1PE U . 32.17 -68.12 26.46
OH6 1PE U . 31.52 -69.14 24.40
C16 1PE U . 29.44 -68.11 23.81
C26 1PE U . 30.70 -68.81 23.30
OH7 1PE U . 28.94 -68.78 24.93
C1 D12 V . 3.34 12.68 -16.92
C2 D12 V . 1.99 12.74 -17.62
C3 D12 V . 1.75 11.44 -18.38
C4 D12 V . 0.38 11.49 -19.06
C5 D12 V . -0.71 11.69 -18.00
C6 D12 V . -2.05 11.20 -18.53
C7 D12 V . -3.13 11.42 -17.48
C8 D12 V . -4.40 10.67 -17.89
C9 D12 V . -5.43 10.79 -16.77
C10 D12 V . -6.38 9.60 -16.83
C11 D12 V . -7.05 9.41 -15.47
C12 D12 V . -7.77 8.07 -15.44
O1 PE4 W . -5.95 -7.81 -3.98
C1 PE4 W . -6.02 -9.18 -3.67
C2 PE4 W . -7.47 -9.65 -3.73
O2 PE4 W . -8.16 -9.21 -2.60
C3 PE4 W . -8.91 -10.21 -1.96
C4 PE4 W . -7.98 -11.33 -1.49
O3 PE4 W . -8.63 -12.56 -1.63
C5 PE4 W . -7.74 -13.62 -1.83
C6 PE4 W . -7.09 -13.48 -3.21
O4 PE4 W . -7.43 -14.56 -4.01
C7 PE4 W . -8.13 -14.22 -5.17
C8 PE4 W . -9.64 -14.25 -4.90
O5 PE4 W . -10.25 -13.15 -5.49
C9 PE4 W . -10.53 -12.10 -4.61
C10 PE4 W . -11.64 -11.22 -5.18
O6 PE4 W . -12.41 -10.66 -4.15
C11 PE4 W . -12.89 -11.59 -3.21
C12 PE4 W . -14.04 -12.39 -3.81
O7 PE4 W . -13.90 -13.73 -3.44
C13 PE4 W . -14.20 -14.65 -4.46
C14 PE4 W . -13.43 -14.32 -5.73
O8 PE4 W . -13.44 -15.42 -6.58
C15 PE4 W . -12.25 -15.59 -7.30
C16 PE4 W . -12.35 -16.85 -8.16
C1 D12 X . 10.75 31.77 -26.37
C2 D12 X . 10.58 32.19 -24.91
C3 D12 X . 11.54 33.35 -24.61
C4 D12 X . 10.90 34.30 -23.59
C5 D12 X . 11.49 35.69 -23.77
C6 D12 X . 10.92 36.64 -22.71
C7 D12 X . 11.48 38.03 -22.93
C8 D12 X . 11.05 38.94 -21.78
C9 D12 X . 11.50 40.37 -22.07
C10 D12 X . 10.93 41.30 -21.00
C11 D12 X . 11.23 42.75 -21.37
C12 D12 X . 10.55 43.69 -20.37
O1 PE4 Y . 20.61 38.80 -6.24
C1 PE4 Y . 19.66 39.71 -6.70
C2 PE4 Y . 19.60 40.91 -5.75
O2 PE4 Y . 18.77 41.89 -6.29
C3 PE4 Y . 19.45 43.01 -6.76
C4 PE4 Y . 18.51 43.87 -7.62
O3 PE4 Y . 19.27 44.70 -8.44
C5 PE4 Y . 19.14 44.42 -9.81
C6 PE4 Y . 20.13 45.27 -10.60
O4 PE4 Y . 19.58 45.60 -11.84
C7 PE4 Y . 20.07 46.79 -12.39
C8 PE4 Y . 19.60 47.97 -11.54
O5 PE4 Y . 18.21 48.08 -11.60
C9 PE4 Y . 17.57 47.88 -10.38
C10 PE4 Y . 16.15 47.35 -10.61
O6 PE4 Y . 15.92 46.25 -9.79
C11 PE4 Y . 14.59 46.09 -9.41
C12 PE4 Y . 13.87 45.21 -10.43
O7 PE4 Y . 12.49 45.22 -10.16
C13 PE4 Y . 11.77 44.27 -10.88
C14 PE4 Y . 10.27 44.43 -10.60
O8 PE4 Y . 9.56 43.42 -11.25
C15 PE4 Y . 9.72 43.41 -12.63
C16 PE4 Y . 9.80 41.97 -13.13
OH2 1PE Z . 19.35 18.58 -8.93
C12 1PE Z . 18.71 18.75 -7.70
C22 1PE Z . 19.58 19.58 -6.78
OH3 1PE Z . 18.81 20.15 -5.76
C13 1PE Z . 18.37 22.25 -6.80
C23 1PE Z . 18.99 21.53 -5.61
OH4 1PE Z . 18.92 23.53 -6.93
C14 1PE Z . 19.63 25.33 -8.33
C24 1PE Z . 19.24 23.86 -8.25
OH5 1PE Z . 19.92 25.67 -9.66
C15 1PE Z . 20.01 27.27 -11.44
C25 1PE Z . 19.73 27.02 -9.95
OH6 1PE Z . 19.29 28.39 -11.86
C16 1PE Z . 17.18 29.24 -12.60
C26 1PE Z . 18.16 28.07 -12.63
OH7 1PE Z . 15.96 28.84 -13.17
O37 12P AA . 11.53 29.93 -14.01
C36 12P AA . 11.81 28.82 -14.81
C35 12P AA . 10.56 28.40 -15.57
O34 12P AA . 10.84 27.30 -16.38
C33 12P AA . 9.72 26.72 -16.98
C32 12P AA . 10.14 25.50 -17.79
O31 12P AA . 9.72 25.65 -19.13
C30 12P AA . 9.82 24.48 -19.88
C29 12P AA . 9.14 24.67 -21.23
O28 12P AA . 9.18 23.46 -21.94
C27 12P AA . 8.00 23.21 -22.68
C26 12P AA . 8.08 21.82 -23.30
O25 12P AA . 6.88 21.15 -23.05
C24 12P AA . 7.06 19.84 -22.56
C23 12P AA . 5.92 19.49 -21.62
O22 12P AA . 6.18 20.00 -20.34
C21 12P AA . 6.70 19.05 -19.45
C20 12P AA . 7.34 19.77 -18.27
O19 12P AA . 7.60 18.85 -17.24
C18 12P AA . 7.68 19.43 -15.97
C17 12P AA . 7.65 18.34 -14.90
O16 12P AA . 7.53 18.93 -13.64
C15 12P AA . 6.60 18.28 -12.81
C14 12P AA . 6.59 18.98 -11.45
O13 12P AA . 5.32 18.81 -10.87
C12 12P AA . 5.32 18.05 -9.70
C11 12P AA . 4.15 17.06 -9.72
O10 12P AA . 4.38 16.04 -8.79
C9 12P AA . 4.23 16.44 -7.45
C8 12P AA . 5.51 16.12 -6.69
O7 12P AA . 5.91 17.25 -5.98
C6 12P AA . 5.71 17.17 -4.59
C5 12P AA . 6.35 18.38 -3.91
O4 12P AA . 5.75 18.57 -2.66
C3 12P AA . 6.64 18.93 -1.65
C2 12P AA . 7.22 20.32 -1.94
O1 12P AA . 7.64 20.90 -0.73
#